data_1AHW
#
_entry.id   1AHW
#
_cell.length_a   142.304
_cell.length_b   73.312
_cell.length_c   115.826
_cell.angle_alpha   90.00
_cell.angle_beta   90.89
_cell.angle_gamma   90.00
#
_symmetry.space_group_name_H-M   'P 1 2 1'
#
loop_
_entity.id
_entity.type
_entity.pdbx_description
1 polymer 'IMMUNOGLOBULIN FAB 5G9 (LIGHT CHAIN)'
2 polymer 'IMMUNOGLOBULIN FAB 5G9 (HEAVY CHAIN)'
3 polymer 'TISSUE FACTOR'
#
loop_
_entity_poly.entity_id
_entity_poly.type
_entity_poly.pdbx_seq_one_letter_code
_entity_poly.pdbx_strand_id
1 'polypeptide(L)'
;DIKMTQSPSSMYASLGERVTITCKASQDIRKYLNWYQQKPWKSPKTLIYYATSLADGVPSRFSGSGSGQDYSLTISSLES
DDTATYYCLQHGESPYTFGGGTKLEINRADAAPTVSIFPPSSEQLTSGGASVVCFLNNFYPKDINVKWKIDGSERQNGVL
NSWTDQDSKDSTYSMSSTLTLTKDEYERHNSYTCEATHKTSTSPIVKSFNRNEC
;
A,D
2 'polypeptide(L)'
;EIQLQQSGAELVRPGALVKLSCKASGFNIKDYYMHWVKQRPEQGLEWIGLIDPENGNTIYDPKFQGKASITADTSSNTAY
LQLSSLTSEDTAVYYCARDNSYYFDYWGQGTTLTVSSAKTTPPSVYPLAPGSAAQTNSMVTLGCLVKGYFPEPVTVTWNS
GSLSSGVHTFPAVLQSDLYTLSSSVTVPSSTWPSETVTCNVAHPASSTKVDKKI
;
B,E
3 'polypeptide(L)'
;SGTTNTVAAYNLTWKSTNFKTILEWEPKPVNQVYTVQISTKSGDWKSKCFYTTDTECDLTDEIVKDVKQTYLARVFSYPA
GNVESTGSAGEPLYENSPEFTPYLETNLGQPTIQSFEQVGTKVNVTVEDERTLVRRNNTFLSLRDVFGKDLIYTLYYWKS
SSSGKKTAKTNTNEFLIDVDKGENYCFSVQAVIPSRTVNRKSTDSPVECMGQEKGEFRE
;
C,F
#
# COMPACT_ATOMS: atom_id res chain seq x y z
N ASP A 1 -20.82 8.78 -28.53
CA ASP A 1 -20.00 9.23 -29.65
C ASP A 1 -19.10 10.36 -29.22
N ILE A 2 -19.66 11.38 -28.55
CA ILE A 2 -18.92 12.59 -28.12
C ILE A 2 -18.59 12.43 -26.67
N LYS A 3 -17.37 12.04 -26.34
CA LYS A 3 -16.95 11.74 -24.96
C LYS A 3 -16.59 12.91 -23.97
N MET A 4 -16.99 12.75 -22.70
CA MET A 4 -16.70 13.71 -21.64
C MET A 4 -15.65 13.07 -20.78
N THR A 5 -14.67 13.85 -20.34
CA THR A 5 -13.62 13.35 -19.46
C THR A 5 -13.49 14.27 -18.25
N GLN A 6 -14.04 13.78 -17.13
CA GLN A 6 -14.06 14.50 -15.89
C GLN A 6 -12.95 14.00 -15.07
N SER A 7 -12.31 14.92 -14.34
CA SER A 7 -11.17 14.66 -13.43
C SER A 7 -11.27 15.54 -12.17
N PRO A 8 -10.88 15.03 -11.00
CA PRO A 8 -10.33 13.77 -10.55
C PRO A 8 -11.50 12.92 -10.09
N SER A 9 -11.33 11.60 -10.00
CA SER A 9 -12.42 10.73 -9.60
C SER A 9 -12.88 10.99 -8.21
N SER A 10 -11.92 11.14 -7.31
CA SER A 10 -12.19 11.40 -5.90
C SER A 10 -11.26 12.52 -5.46
N MET A 11 -11.64 13.20 -4.40
CA MET A 11 -10.75 14.25 -3.93
C MET A 11 -11.24 14.76 -2.58
N TYR A 12 -10.30 14.76 -1.62
CA TYR A 12 -10.49 15.19 -0.21
C TYR A 12 -10.01 16.60 -0.05
N ALA A 13 -10.81 17.43 0.57
CA ALA A 13 -10.42 18.82 0.77
C ALA A 13 -10.99 19.25 2.07
N SER A 14 -10.39 20.26 2.65
CA SER A 14 -10.82 20.75 3.92
C SER A 14 -11.76 21.89 3.71
N LEU A 15 -12.55 22.13 4.73
CA LEU A 15 -13.54 23.19 4.71
C LEU A 15 -12.87 24.47 4.29
N GLY A 16 -13.68 25.44 3.85
CA GLY A 16 -13.19 26.75 3.44
C GLY A 16 -12.23 26.79 2.29
N GLU A 17 -11.72 25.61 1.92
CA GLU A 17 -10.77 25.42 0.82
C GLU A 17 -11.53 25.59 -0.48
N ARG A 18 -10.78 25.79 -1.57
CA ARG A 18 -11.40 25.97 -2.89
C ARG A 18 -11.10 24.75 -3.69
N VAL A 19 -12.07 24.28 -4.47
CA VAL A 19 -11.86 23.09 -5.28
C VAL A 19 -12.32 23.24 -6.72
N THR A 20 -11.60 22.59 -7.62
CA THR A 20 -11.95 22.63 -9.01
C THR A 20 -12.08 21.25 -9.65
N ILE A 21 -13.28 20.93 -10.09
CA ILE A 21 -13.50 19.65 -10.73
C ILE A 21 -13.51 20.06 -12.19
N THR A 22 -13.09 19.15 -13.07
CA THR A 22 -13.00 19.44 -14.52
C THR A 22 -13.60 18.43 -15.51
N CYS A 23 -14.13 18.98 -16.58
CA CYS A 23 -14.71 18.18 -17.63
C CYS A 23 -14.22 18.66 -18.96
N LYS A 24 -13.62 17.74 -19.74
CA LYS A 24 -13.15 18.03 -21.10
C LYS A 24 -13.98 17.16 -22.05
N ALA A 25 -14.61 17.77 -23.05
CA ALA A 25 -15.37 17.00 -24.03
C ALA A 25 -14.48 16.92 -25.23
N SER A 26 -14.64 15.84 -26.00
CA SER A 26 -13.87 15.58 -27.21
C SER A 26 -14.38 16.36 -28.43
N GLN A 27 -14.92 17.54 -28.21
CA GLN A 27 -15.36 18.43 -29.26
C GLN A 27 -16.24 19.51 -28.74
N ASP A 28 -16.08 20.68 -29.35
CA ASP A 28 -16.82 21.86 -28.97
C ASP A 28 -18.24 21.41 -28.63
N ILE A 29 -18.66 21.58 -27.37
CA ILE A 29 -20.03 21.22 -26.98
C ILE A 29 -20.85 22.50 -26.94
N ARG A 30 -20.17 23.61 -27.16
CA ARG A 30 -20.84 24.88 -27.18
C ARG A 30 -21.55 25.28 -25.93
N LYS A 31 -20.87 25.13 -24.78
CA LYS A 31 -21.41 25.46 -23.48
C LYS A 31 -22.74 24.79 -23.08
N TYR A 32 -22.96 23.60 -23.60
CA TYR A 32 -24.13 22.86 -23.26
C TYR A 32 -23.57 21.84 -22.32
N LEU A 33 -23.04 22.38 -21.22
CA LEU A 33 -22.46 21.60 -20.15
C LEU A 33 -23.24 21.98 -18.93
N ASN A 34 -23.59 21.00 -18.09
CA ASN A 34 -24.32 21.17 -16.83
C ASN A 34 -23.61 20.37 -15.70
N TRP A 35 -23.55 20.97 -14.53
CA TRP A 35 -22.92 20.30 -13.40
C TRP A 35 -24.04 19.86 -12.50
N TYR A 36 -24.02 18.60 -12.05
CA TYR A 36 -25.01 18.00 -11.17
C TYR A 36 -24.36 17.48 -9.90
N GLN A 37 -25.06 17.65 -8.77
CA GLN A 37 -24.59 17.18 -7.43
C GLN A 37 -25.50 16.07 -7.01
N GLN A 38 -24.94 14.97 -6.54
CA GLN A 38 -25.79 13.90 -6.06
C GLN A 38 -25.43 13.59 -4.57
N LYS A 39 -26.32 13.91 -3.61
CA LYS A 39 -26.04 13.59 -2.19
C LYS A 39 -26.42 12.15 -2.18
N PRO A 40 -25.81 11.33 -1.31
CA PRO A 40 -26.14 9.89 -1.28
C PRO A 40 -27.63 9.67 -1.19
N TRP A 41 -28.09 8.57 -1.79
CA TRP A 41 -29.51 8.23 -1.82
C TRP A 41 -30.33 9.49 -2.08
N LYS A 42 -30.11 10.11 -3.23
CA LYS A 42 -30.80 11.32 -3.59
C LYS A 42 -30.82 11.45 -5.12
N SER A 43 -31.89 12.00 -5.67
CA SER A 43 -31.96 12.24 -7.08
C SER A 43 -30.93 13.36 -7.22
N PRO A 44 -30.34 13.55 -8.42
CA PRO A 44 -29.35 14.61 -8.61
C PRO A 44 -29.95 16.03 -8.65
N LYS A 45 -29.13 17.02 -8.32
CA LYS A 45 -29.58 18.40 -8.28
C LYS A 45 -28.72 19.13 -9.27
N THR A 46 -29.34 20.07 -9.94
CA THR A 46 -28.70 20.84 -10.99
C THR A 46 -27.98 22.11 -10.49
N LEU A 47 -26.70 21.99 -10.21
CA LEU A 47 -25.88 23.12 -9.76
C LEU A 47 -25.70 24.25 -10.77
N ILE A 48 -24.93 23.99 -11.84
CA ILE A 48 -24.69 24.99 -12.90
C ILE A 48 -25.18 24.50 -14.26
N TYR A 49 -25.84 25.37 -15.01
CA TYR A 49 -26.30 25.00 -16.36
C TYR A 49 -25.83 26.00 -17.43
N TYR A 50 -25.71 25.55 -18.68
CA TYR A 50 -25.22 26.38 -19.79
C TYR A 50 -23.85 26.94 -19.45
N ALA A 51 -22.98 26.03 -19.05
CA ALA A 51 -21.60 26.31 -18.67
C ALA A 51 -21.35 27.20 -17.47
N THR A 52 -22.14 28.25 -17.32
CA THR A 52 -21.92 29.20 -16.25
C THR A 52 -23.13 29.78 -15.50
N SER A 53 -24.35 29.36 -15.78
CA SER A 53 -25.47 29.91 -15.05
C SER A 53 -25.77 29.12 -13.77
N LEU A 54 -25.94 29.86 -12.66
CA LEU A 54 -26.27 29.27 -11.36
C LEU A 54 -27.74 29.01 -11.53
N ALA A 55 -28.26 27.95 -10.92
CA ALA A 55 -29.65 27.58 -11.10
C ALA A 55 -30.50 27.73 -9.89
N ASP A 56 -31.61 26.96 -9.92
CA ASP A 56 -32.62 26.83 -8.87
C ASP A 56 -31.98 26.96 -7.46
N GLY A 57 -31.85 28.16 -6.92
CA GLY A 57 -31.30 28.34 -5.57
C GLY A 57 -29.93 27.78 -5.13
N VAL A 58 -28.98 27.73 -6.07
CA VAL A 58 -27.62 27.24 -5.79
C VAL A 58 -26.81 28.31 -5.09
N PRO A 59 -25.94 27.90 -4.17
CA PRO A 59 -25.13 28.86 -3.44
C PRO A 59 -24.17 29.60 -4.34
N SER A 60 -23.97 30.88 -4.04
CA SER A 60 -23.04 31.71 -4.78
C SER A 60 -21.61 31.26 -4.82
N ARG A 61 -21.21 30.36 -3.92
CA ARG A 61 -19.82 29.83 -3.91
C ARG A 61 -19.56 28.81 -5.04
N PHE A 62 -20.62 28.46 -5.75
CA PHE A 62 -20.52 27.56 -6.88
C PHE A 62 -20.37 28.45 -8.10
N SER A 63 -19.52 28.05 -9.04
CA SER A 63 -19.30 28.81 -10.27
C SER A 63 -18.63 27.86 -11.24
N GLY A 64 -18.89 28.07 -12.52
CA GLY A 64 -18.30 27.23 -13.55
C GLY A 64 -17.84 28.08 -14.70
N SER A 65 -16.71 27.73 -15.30
CA SER A 65 -16.17 28.47 -16.44
C SER A 65 -16.01 27.48 -17.58
N GLY A 66 -16.08 27.98 -18.81
CA GLY A 66 -15.93 27.11 -19.95
C GLY A 66 -16.30 27.66 -21.33
N SER A 67 -15.76 26.96 -22.32
CA SER A 67 -15.93 27.27 -23.72
C SER A 67 -15.45 26.15 -24.56
N GLY A 68 -16.34 25.57 -25.32
CA GLY A 68 -15.91 24.53 -26.21
C GLY A 68 -15.59 23.22 -25.62
N GLN A 69 -14.32 22.94 -25.32
CA GLN A 69 -14.00 21.61 -24.80
C GLN A 69 -13.58 21.60 -23.37
N ASP A 70 -13.30 22.79 -22.86
CA ASP A 70 -12.82 22.92 -21.51
C ASP A 70 -13.88 23.48 -20.63
N TYR A 71 -14.20 22.74 -19.57
CA TYR A 71 -15.19 23.14 -18.61
C TYR A 71 -14.69 22.84 -17.22
N SER A 72 -15.05 23.68 -16.24
CA SER A 72 -14.62 23.42 -14.84
C SER A 72 -15.64 23.99 -13.85
N LEU A 73 -15.93 23.27 -12.77
CA LEU A 73 -16.85 23.74 -11.71
C LEU A 73 -15.89 24.08 -10.61
N THR A 74 -16.17 25.15 -9.88
CA THR A 74 -15.29 25.45 -8.78
C THR A 74 -16.12 25.84 -7.55
N ILE A 75 -15.75 25.26 -6.40
CA ILE A 75 -16.39 25.59 -5.14
C ILE A 75 -15.29 26.44 -4.45
N SER A 76 -15.66 27.67 -4.08
CA SER A 76 -14.75 28.64 -3.44
C SER A 76 -14.41 28.27 -2.02
N SER A 77 -15.42 28.31 -1.16
CA SER A 77 -15.33 27.96 0.26
C SER A 77 -16.07 26.66 0.46
N LEU A 78 -15.31 25.57 0.50
CA LEU A 78 -15.88 24.25 0.65
C LEU A 78 -16.56 24.15 2.01
N GLU A 79 -17.73 23.53 2.03
CA GLU A 79 -18.50 23.38 3.27
C GLU A 79 -19.00 21.97 3.50
N SER A 80 -19.66 21.79 4.63
CA SER A 80 -20.14 20.49 5.00
C SER A 80 -21.01 19.82 3.99
N ASP A 81 -22.12 20.44 3.63
CA ASP A 81 -23.00 19.78 2.66
C ASP A 81 -22.57 19.89 1.22
N ASP A 82 -21.30 19.65 1.00
CA ASP A 82 -20.74 19.65 -0.32
C ASP A 82 -20.21 18.26 -0.47
N THR A 83 -20.27 17.45 0.58
CA THR A 83 -19.80 16.09 0.45
C THR A 83 -20.89 15.54 -0.37
N ALA A 84 -20.58 15.28 -1.63
CA ALA A 84 -21.53 14.73 -2.58
C ALA A 84 -20.74 14.24 -3.75
N THR A 85 -21.44 13.83 -4.79
CA THR A 85 -20.76 13.46 -6.02
C THR A 85 -21.24 14.43 -7.09
N TYR A 86 -20.31 14.93 -7.91
CA TYR A 86 -20.66 15.87 -8.97
C TYR A 86 -20.47 15.27 -10.33
N TYR A 87 -21.41 15.52 -11.21
CA TYR A 87 -21.29 15.05 -12.56
C TYR A 87 -21.46 16.21 -13.50
N CYS A 88 -20.87 16.11 -14.70
CA CYS A 88 -21.08 17.11 -15.73
C CYS A 88 -21.83 16.29 -16.73
N LEU A 89 -22.80 16.92 -17.36
CA LEU A 89 -23.62 16.30 -18.36
C LEU A 89 -23.64 17.25 -19.52
N GLN A 90 -23.21 16.78 -20.67
CA GLN A 90 -23.23 17.57 -21.89
C GLN A 90 -24.56 17.19 -22.48
N HIS A 91 -25.27 18.17 -22.99
CA HIS A 91 -26.56 17.89 -23.58
C HIS A 91 -26.73 18.76 -24.82
N GLY A 92 -25.66 18.85 -25.61
CA GLY A 92 -25.71 19.65 -26.82
C GLY A 92 -26.25 18.90 -28.04
N GLU A 93 -26.07 17.58 -28.08
CA GLU A 93 -26.49 16.73 -29.18
C GLU A 93 -26.43 15.24 -28.76
N SER A 94 -27.31 14.42 -29.34
CA SER A 94 -27.41 12.99 -29.00
C SER A 94 -26.17 12.19 -29.28
N PRO A 95 -25.78 11.29 -28.36
CA PRO A 95 -26.48 11.04 -27.10
C PRO A 95 -25.93 11.99 -26.06
N TYR A 96 -26.69 12.17 -24.98
CA TYR A 96 -26.35 13.05 -23.88
C TYR A 96 -25.43 12.28 -23.00
N THR A 97 -24.25 12.84 -22.74
CA THR A 97 -23.24 12.17 -21.96
C THR A 97 -22.86 12.83 -20.65
N PHE A 98 -22.93 12.04 -19.59
CA PHE A 98 -22.56 12.46 -18.24
C PHE A 98 -21.09 12.11 -18.13
N GLY A 99 -20.31 12.92 -17.45
CA GLY A 99 -18.91 12.57 -17.28
C GLY A 99 -18.84 11.47 -16.21
N GLY A 100 -17.64 11.00 -15.88
CA GLY A 100 -17.50 9.93 -14.91
C GLY A 100 -17.75 10.29 -13.48
N GLY A 101 -17.96 11.58 -13.24
CA GLY A 101 -18.23 12.09 -11.91
C GLY A 101 -17.06 12.08 -10.94
N THR A 102 -17.12 12.93 -9.93
CA THR A 102 -16.09 12.97 -8.88
C THR A 102 -16.73 13.11 -7.50
N LYS A 103 -16.14 12.42 -6.53
CA LYS A 103 -16.60 12.39 -5.13
C LYS A 103 -15.72 13.23 -4.18
N LEU A 104 -16.29 14.32 -3.68
CA LEU A 104 -15.59 15.22 -2.79
C LEU A 104 -15.83 14.73 -1.38
N GLU A 105 -14.78 14.46 -0.62
CA GLU A 105 -14.89 14.04 0.77
C GLU A 105 -14.22 15.21 1.50
N ILE A 106 -14.89 15.73 2.53
CA ILE A 106 -14.37 16.83 3.32
C ILE A 106 -13.43 16.34 4.39
N ASN A 107 -12.28 16.97 4.46
CA ASN A 107 -11.22 16.70 5.41
C ASN A 107 -11.50 17.57 6.64
N ARG A 108 -11.58 16.94 7.81
CA ARG A 108 -11.88 17.70 9.02
C ARG A 108 -11.21 17.19 10.32
N ALA A 109 -11.34 17.99 11.38
CA ALA A 109 -10.73 17.69 12.66
C ALA A 109 -11.11 16.33 13.24
N ASP A 110 -10.11 15.57 13.71
CA ASP A 110 -10.30 14.24 14.28
C ASP A 110 -11.44 14.13 15.28
N ALA A 111 -12.01 12.93 15.42
CA ALA A 111 -13.14 12.71 16.32
C ALA A 111 -13.32 11.25 16.80
N ALA A 112 -13.59 11.06 18.10
CA ALA A 112 -13.77 9.71 18.67
C ALA A 112 -15.20 9.18 18.55
N PRO A 113 -15.34 7.94 18.05
CA PRO A 113 -16.67 7.37 17.91
C PRO A 113 -17.31 7.31 19.28
N THR A 114 -18.61 7.54 19.42
CA THR A 114 -19.19 7.33 20.73
C THR A 114 -19.82 5.98 20.49
N VAL A 115 -19.45 4.96 21.28
CA VAL A 115 -19.96 3.58 21.06
C VAL A 115 -21.34 3.22 21.70
N SER A 116 -21.94 2.11 21.29
CA SER A 116 -23.24 1.68 21.79
C SER A 116 -23.36 0.17 21.51
N ILE A 117 -23.90 -0.58 22.44
CA ILE A 117 -23.99 -2.01 22.23
C ILE A 117 -25.40 -2.33 22.68
N PHE A 118 -26.04 -3.22 21.92
CA PHE A 118 -27.40 -3.63 22.15
C PHE A 118 -27.40 -5.17 22.11
N PRO A 119 -28.02 -5.84 23.12
CA PRO A 119 -28.14 -7.29 23.27
C PRO A 119 -29.38 -7.70 22.55
N PRO A 120 -29.37 -8.94 22.05
CA PRO A 120 -30.45 -9.57 21.31
C PRO A 120 -31.85 -9.39 21.85
N SER A 121 -32.65 -8.58 21.20
CA SER A 121 -34.03 -8.39 21.65
C SER A 121 -34.68 -9.74 21.92
N SER A 122 -35.43 -9.82 22.99
CA SER A 122 -36.13 -11.05 23.31
C SER A 122 -37.04 -11.45 22.16
N GLU A 123 -37.57 -10.45 21.48
CA GLU A 123 -38.45 -10.68 20.36
C GLU A 123 -37.73 -11.53 19.32
N GLN A 124 -36.53 -11.07 18.97
CA GLN A 124 -35.70 -11.74 17.99
C GLN A 124 -35.44 -13.13 18.49
N LEU A 125 -35.09 -13.27 19.76
CA LEU A 125 -34.76 -14.59 20.31
C LEU A 125 -35.85 -15.63 20.07
N THR A 126 -37.10 -15.17 20.02
CA THR A 126 -38.22 -16.05 19.75
C THR A 126 -38.03 -16.79 18.45
N SER A 127 -37.22 -16.24 17.55
CA SER A 127 -36.99 -16.80 16.23
C SER A 127 -35.96 -17.87 16.14
N GLY A 128 -34.93 -17.72 16.95
CA GLY A 128 -33.88 -18.72 16.94
C GLY A 128 -32.48 -18.18 16.77
N GLY A 129 -32.39 -16.91 16.42
CA GLY A 129 -31.06 -16.34 16.20
C GLY A 129 -30.88 -15.15 17.07
N ALA A 130 -29.70 -14.55 17.05
CA ALA A 130 -29.43 -13.40 17.91
C ALA A 130 -28.35 -12.49 17.32
N SER A 131 -28.63 -11.19 17.34
CA SER A 131 -27.73 -10.23 16.75
C SER A 131 -27.34 -9.13 17.66
N VAL A 132 -26.10 -9.11 18.06
CA VAL A 132 -25.68 -8.03 18.90
C VAL A 132 -25.18 -6.96 17.93
N VAL A 133 -25.67 -5.74 18.12
CA VAL A 133 -25.30 -4.62 17.32
C VAL A 133 -24.40 -3.67 18.12
N CYS A 134 -23.33 -3.22 17.47
CA CYS A 134 -22.39 -2.26 18.08
C CYS A 134 -22.54 -1.08 17.10
N PHE A 135 -22.86 0.10 17.62
CA PHE A 135 -22.99 1.33 16.83
C PHE A 135 -21.74 2.14 17.15
N LEU A 136 -21.01 2.59 16.13
CA LEU A 136 -19.82 3.40 16.42
C LEU A 136 -20.05 4.66 15.63
N ASN A 137 -20.87 5.55 16.17
CA ASN A 137 -21.23 6.79 15.50
C ASN A 137 -20.32 7.99 15.65
N ASN A 138 -20.49 8.93 14.75
CA ASN A 138 -19.75 10.18 14.71
C ASN A 138 -18.24 10.24 14.88
N PHE A 139 -17.54 9.38 14.16
CA PHE A 139 -16.08 9.38 14.23
C PHE A 139 -15.39 10.04 13.01
N TYR A 140 -14.06 10.16 13.05
CA TYR A 140 -13.28 10.69 11.93
C TYR A 140 -11.83 10.53 12.26
N PRO A 141 -11.04 9.95 11.34
CA PRO A 141 -11.22 9.42 9.99
C PRO A 141 -12.26 8.32 9.86
N LYS A 142 -12.58 8.02 8.60
CA LYS A 142 -13.56 6.99 8.26
C LYS A 142 -12.96 5.64 8.57
N ASP A 143 -11.64 5.62 8.69
CA ASP A 143 -10.89 4.41 8.98
C ASP A 143 -11.16 3.88 10.42
N ILE A 144 -11.44 2.58 10.56
CA ILE A 144 -11.69 1.99 11.87
C ILE A 144 -11.74 0.48 11.88
N ASN A 145 -10.98 -0.13 12.79
CA ASN A 145 -10.96 -1.58 12.93
C ASN A 145 -11.85 -1.94 14.14
N VAL A 146 -12.77 -2.90 13.94
CA VAL A 146 -13.68 -3.36 15.00
C VAL A 146 -13.54 -4.87 15.23
N LYS A 147 -13.43 -5.26 16.49
CA LYS A 147 -13.27 -6.67 16.88
C LYS A 147 -14.30 -7.14 17.92
N TRP A 148 -15.00 -8.21 17.58
CA TRP A 148 -16.02 -8.78 18.45
C TRP A 148 -15.44 -9.95 19.23
N LYS A 149 -15.47 -9.89 20.58
CA LYS A 149 -14.95 -10.97 21.46
C LYS A 149 -15.98 -11.61 22.40
N ILE A 150 -16.32 -12.88 22.14
CA ILE A 150 -17.29 -13.60 22.96
C ILE A 150 -16.56 -14.48 23.99
N ASP A 151 -16.53 -14.00 25.22
CA ASP A 151 -15.85 -14.71 26.32
C ASP A 151 -14.37 -14.64 25.98
N GLY A 152 -13.83 -13.48 26.28
CA GLY A 152 -12.42 -13.20 26.06
C GLY A 152 -11.94 -13.30 24.65
N SER A 153 -10.62 -13.08 24.49
CA SER A 153 -9.91 -13.12 23.20
C SER A 153 -10.60 -13.90 22.13
N GLU A 154 -11.23 -15.00 22.53
CA GLU A 154 -11.96 -15.80 21.61
C GLU A 154 -12.89 -14.79 20.98
N ARG A 155 -12.41 -14.21 19.88
CA ARG A 155 -13.14 -13.20 19.17
C ARG A 155 -13.90 -13.93 18.10
N GLN A 156 -14.54 -13.21 17.17
CA GLN A 156 -15.28 -13.93 16.13
C GLN A 156 -15.33 -13.47 14.65
N ASN A 157 -16.23 -14.11 13.91
CA ASN A 157 -16.57 -13.84 12.51
C ASN A 157 -18.07 -14.25 12.46
N GLY A 158 -18.82 -13.69 11.52
CA GLY A 158 -20.27 -13.90 11.49
C GLY A 158 -20.79 -12.47 11.74
N VAL A 159 -19.85 -11.55 11.61
CA VAL A 159 -20.06 -10.14 11.78
C VAL A 159 -20.21 -9.46 10.39
N LEU A 160 -21.04 -8.42 10.34
CA LEU A 160 -21.29 -7.67 9.15
C LEU A 160 -20.99 -6.22 9.56
N ASN A 161 -20.43 -5.45 8.65
CA ASN A 161 -20.13 -4.07 8.95
C ASN A 161 -20.63 -3.20 7.80
N SER A 162 -20.98 -1.96 8.13
CA SER A 162 -21.51 -1.04 7.16
C SER A 162 -21.24 0.39 7.61
N TRP A 163 -20.59 1.20 6.79
CA TRP A 163 -20.34 2.60 7.16
C TRP A 163 -21.34 3.52 6.53
N THR A 164 -21.47 4.70 7.11
CA THR A 164 -22.35 5.66 6.49
C THR A 164 -21.45 6.54 5.66
N ASP A 165 -22.02 7.62 5.19
CA ASP A 165 -21.32 8.52 4.35
C ASP A 165 -21.11 9.77 5.16
N GLN A 166 -20.06 10.51 4.83
CA GLN A 166 -19.77 11.73 5.53
C GLN A 166 -21.06 12.45 5.77
N ASP A 167 -21.29 12.78 7.02
CA ASP A 167 -22.49 13.49 7.36
C ASP A 167 -22.40 14.87 6.71
N SER A 168 -23.53 15.35 6.27
CA SER A 168 -23.55 16.63 5.64
C SER A 168 -23.46 17.80 6.58
N LYS A 169 -23.40 17.53 7.88
CA LYS A 169 -23.38 18.63 8.86
C LYS A 169 -22.20 18.74 9.83
N ASP A 170 -21.52 17.63 10.07
CA ASP A 170 -20.40 17.60 10.94
C ASP A 170 -19.27 16.86 10.25
N SER A 171 -19.49 16.44 9.01
CA SER A 171 -18.44 15.79 8.23
C SER A 171 -17.77 14.58 8.87
N THR A 172 -18.52 13.78 9.61
CA THR A 172 -17.94 12.63 10.32
C THR A 172 -18.57 11.34 9.82
N TYR A 173 -18.20 10.18 10.36
CA TYR A 173 -18.80 8.93 9.93
C TYR A 173 -19.29 8.05 11.12
N SER A 174 -20.38 7.30 10.90
CA SER A 174 -20.93 6.41 11.92
C SER A 174 -20.76 5.04 11.30
N MET A 175 -20.70 3.97 12.09
CA MET A 175 -20.50 2.64 11.56
C MET A 175 -21.63 1.79 12.06
N SER A 176 -21.49 0.48 12.04
CA SER A 176 -22.52 -0.40 12.55
C SER A 176 -21.98 -1.78 12.39
N SER A 177 -21.67 -2.41 13.52
CA SER A 177 -21.12 -3.74 13.52
C SER A 177 -22.21 -4.66 14.04
N THR A 178 -22.38 -5.82 13.42
CA THR A 178 -23.38 -6.78 13.88
C THR A 178 -22.88 -8.24 13.87
N LEU A 179 -22.79 -8.87 15.03
CA LEU A 179 -22.36 -10.27 15.10
C LEU A 179 -23.69 -10.98 15.16
N THR A 180 -23.88 -12.06 14.41
CA THR A 180 -25.17 -12.75 14.47
C THR A 180 -25.17 -14.24 14.84
N LEU A 181 -25.05 -14.51 16.13
CA LEU A 181 -25.06 -15.88 16.66
C LEU A 181 -26.54 -16.32 16.75
N THR A 182 -26.79 -17.62 16.88
CA THR A 182 -28.17 -18.04 17.08
C THR A 182 -28.36 -18.08 18.61
N LYS A 183 -29.60 -18.31 19.05
CA LYS A 183 -29.95 -18.38 20.49
C LYS A 183 -29.02 -19.37 21.20
N ASP A 184 -28.67 -20.43 20.45
CA ASP A 184 -27.77 -21.53 20.83
C ASP A 184 -26.43 -21.04 21.41
N GLU A 185 -25.60 -20.54 20.51
CA GLU A 185 -24.30 -20.03 20.86
C GLU A 185 -24.44 -18.77 21.71
N TYR A 186 -25.54 -18.04 21.52
CA TYR A 186 -25.79 -16.82 22.31
C TYR A 186 -25.83 -17.15 23.77
N GLU A 187 -26.61 -18.18 24.06
CA GLU A 187 -26.82 -18.67 25.41
C GLU A 187 -25.67 -19.52 25.94
N ARG A 188 -24.86 -19.98 25.02
CA ARG A 188 -23.72 -20.75 25.40
C ARG A 188 -22.83 -19.80 26.24
N HIS A 189 -22.71 -18.55 25.81
CA HIS A 189 -21.81 -17.60 26.46
C HIS A 189 -22.47 -16.46 27.25
N ASN A 190 -21.62 -15.63 27.86
CA ASN A 190 -22.14 -14.54 28.65
C ASN A 190 -21.58 -13.20 28.31
N SER A 191 -20.27 -13.12 28.13
CA SER A 191 -19.65 -11.84 27.79
C SER A 191 -19.64 -11.52 26.29
N TYR A 192 -20.18 -10.35 25.97
CA TYR A 192 -20.25 -9.91 24.61
C TYR A 192 -19.73 -8.50 24.52
N THR A 193 -18.64 -8.30 23.77
CA THR A 193 -18.05 -6.97 23.60
C THR A 193 -17.23 -6.71 22.33
N CYS A 194 -17.45 -5.54 21.74
CA CYS A 194 -16.76 -5.14 20.51
C CYS A 194 -15.67 -4.13 20.86
N GLU A 195 -14.56 -4.18 20.12
CA GLU A 195 -13.41 -3.28 20.31
C GLU A 195 -13.26 -2.41 19.06
N ALA A 196 -13.04 -1.12 19.29
CA ALA A 196 -12.89 -0.19 18.21
C ALA A 196 -11.56 0.44 18.36
N THR A 197 -10.69 0.16 17.40
CA THR A 197 -9.34 0.72 17.37
C THR A 197 -9.50 1.84 16.35
N HIS A 198 -9.15 3.04 16.75
CA HIS A 198 -9.28 4.21 15.91
C HIS A 198 -8.19 5.16 16.45
N LYS A 199 -7.47 5.91 15.62
CA LYS A 199 -6.45 6.75 16.23
C LYS A 199 -6.85 8.06 16.88
N THR A 200 -7.95 8.01 17.61
CA THR A 200 -8.40 9.16 18.39
C THR A 200 -7.90 8.80 19.81
N SER A 201 -7.64 7.50 20.01
CA SER A 201 -7.15 6.92 21.26
C SER A 201 -6.05 5.91 20.92
N THR A 202 -5.26 5.52 21.92
CA THR A 202 -4.19 4.53 21.73
C THR A 202 -4.62 3.23 22.37
N SER A 203 -5.76 3.23 23.04
CA SER A 203 -6.24 2.02 23.69
C SER A 203 -7.66 1.77 23.23
N PRO A 204 -7.96 0.53 22.84
CA PRO A 204 -9.24 0.06 22.35
C PRO A 204 -10.47 0.73 22.94
N ILE A 205 -11.50 0.89 22.11
CA ILE A 205 -12.73 1.47 22.59
C ILE A 205 -13.57 0.21 22.72
N VAL A 206 -13.76 -0.24 23.97
CA VAL A 206 -14.50 -1.45 24.30
C VAL A 206 -15.88 -1.16 24.88
N LYS A 207 -16.88 -1.99 24.58
CA LYS A 207 -18.19 -1.79 25.18
C LYS A 207 -18.81 -3.14 25.33
N SER A 208 -19.23 -3.48 26.55
CA SER A 208 -19.78 -4.79 26.73
C SER A 208 -21.07 -4.88 27.53
N PHE A 209 -21.63 -6.08 27.48
CA PHE A 209 -22.83 -6.43 28.20
C PHE A 209 -22.65 -7.92 28.39
N ASN A 210 -23.37 -8.48 29.37
CA ASN A 210 -23.36 -9.89 29.73
C ASN A 210 -24.77 -10.47 29.70
N ARG A 211 -24.92 -11.62 29.05
CA ARG A 211 -26.21 -12.24 28.94
C ARG A 211 -26.65 -12.86 30.25
N ASN A 212 -27.13 -12.04 31.18
CA ASN A 212 -27.58 -12.56 32.47
C ASN A 212 -29.07 -12.34 32.71
N GLU A 213 -29.89 -13.09 31.98
CA GLU A 213 -31.37 -13.06 32.10
C GLU A 213 -31.70 -14.04 33.25
N CYS A 214 -31.29 -13.64 34.45
CA CYS A 214 -31.46 -14.46 35.63
C CYS A 214 -31.94 -13.50 36.70
N GLU B 1 -45.86 21.36 -6.22
CA GLU B 1 -46.71 21.85 -7.34
C GLU B 1 -46.41 20.88 -8.47
N ILE B 2 -45.18 20.95 -8.97
CA ILE B 2 -44.73 20.06 -10.04
C ILE B 2 -44.19 18.81 -9.35
N GLN B 3 -44.28 17.66 -10.00
CA GLN B 3 -43.72 16.41 -9.45
C GLN B 3 -43.87 15.17 -10.32
N LEU B 4 -42.85 14.32 -10.23
CA LEU B 4 -42.77 13.08 -10.99
C LEU B 4 -42.78 11.82 -10.10
N GLN B 5 -43.71 10.90 -10.34
CA GLN B 5 -43.77 9.71 -9.47
C GLN B 5 -43.32 8.40 -10.02
N GLN B 6 -42.56 7.65 -9.23
CA GLN B 6 -42.11 6.33 -9.65
C GLN B 6 -42.37 5.17 -8.66
N SER B 7 -42.59 3.98 -9.23
CA SER B 7 -42.85 2.72 -8.53
C SER B 7 -42.02 2.32 -7.27
N GLY B 8 -40.95 3.05 -6.95
CA GLY B 8 -40.19 2.72 -5.75
C GLY B 8 -39.48 1.38 -5.73
N ALA B 9 -40.19 0.29 -5.95
CA ALA B 9 -39.48 -0.93 -5.94
C ALA B 9 -40.08 -1.76 -7.04
N GLU B 10 -39.38 -2.84 -7.39
CA GLU B 10 -39.77 -3.67 -8.51
C GLU B 10 -38.80 -4.82 -8.59
N LEU B 11 -39.24 -6.04 -8.29
CA LEU B 11 -38.35 -7.22 -8.39
C LEU B 11 -38.80 -7.87 -9.70
N VAL B 12 -37.86 -8.30 -10.57
CA VAL B 12 -38.25 -8.94 -11.85
C VAL B 12 -37.42 -10.16 -12.19
N ARG B 13 -38.07 -11.15 -12.77
CA ARG B 13 -37.38 -12.37 -13.12
C ARG B 13 -36.59 -12.17 -14.41
N PRO B 14 -35.33 -12.64 -14.46
CA PRO B 14 -34.46 -12.52 -15.65
C PRO B 14 -35.17 -13.05 -16.86
N GLY B 15 -35.01 -12.35 -17.99
CA GLY B 15 -35.65 -12.74 -19.23
C GLY B 15 -36.93 -11.96 -19.46
N ALA B 16 -37.67 -11.76 -18.39
CA ALA B 16 -38.92 -11.02 -18.48
C ALA B 16 -38.66 -9.60 -18.91
N LEU B 17 -39.73 -8.86 -19.14
CA LEU B 17 -39.60 -7.46 -19.52
C LEU B 17 -40.40 -6.63 -18.56
N VAL B 18 -40.01 -5.38 -18.35
CA VAL B 18 -40.75 -4.55 -17.40
C VAL B 18 -40.97 -3.15 -17.87
N LYS B 19 -42.03 -2.54 -17.35
CA LYS B 19 -42.40 -1.21 -17.72
C LYS B 19 -42.45 -0.25 -16.52
N LEU B 20 -41.36 0.45 -16.21
CA LEU B 20 -41.36 1.41 -15.11
C LEU B 20 -42.28 2.54 -15.57
N SER B 21 -42.72 3.40 -14.70
CA SER B 21 -43.58 4.50 -15.16
C SER B 21 -43.16 5.68 -14.33
N CYS B 22 -43.59 6.85 -14.73
CA CYS B 22 -43.19 8.04 -14.07
C CYS B 22 -44.33 9.00 -14.34
N LYS B 23 -45.18 9.21 -13.32
CA LYS B 23 -46.35 10.09 -13.45
C LYS B 23 -46.06 11.53 -13.16
N ALA B 24 -46.43 12.36 -14.11
CA ALA B 24 -46.20 13.79 -14.06
C ALA B 24 -47.29 14.59 -13.39
N SER B 25 -46.90 15.54 -12.53
CA SER B 25 -47.89 16.33 -11.83
C SER B 25 -47.58 17.81 -11.75
N GLY B 26 -48.52 18.64 -12.20
CA GLY B 26 -48.37 20.07 -12.14
C GLY B 26 -47.68 20.72 -13.33
N PHE B 27 -47.64 19.98 -14.45
CA PHE B 27 -47.07 20.42 -15.72
C PHE B 27 -47.57 19.39 -16.72
N ASN B 28 -47.53 19.74 -18.00
CA ASN B 28 -48.00 18.86 -19.06
C ASN B 28 -46.77 18.31 -19.78
N ILE B 29 -46.66 16.99 -19.90
CA ILE B 29 -45.48 16.44 -20.56
C ILE B 29 -45.42 16.69 -22.03
N LYS B 30 -46.51 17.16 -22.61
CA LYS B 30 -46.41 17.44 -24.01
C LYS B 30 -45.71 18.79 -24.28
N ASP B 31 -45.31 19.49 -23.21
CA ASP B 31 -44.61 20.77 -23.29
C ASP B 31 -43.12 20.61 -22.98
N TYR B 32 -42.66 19.39 -22.69
CA TYR B 32 -41.27 19.18 -22.30
C TYR B 32 -40.77 17.91 -22.84
N TYR B 33 -39.50 17.62 -22.55
CA TYR B 33 -38.88 16.40 -23.01
C TYR B 33 -38.52 15.58 -21.75
N MET B 34 -39.18 14.44 -21.63
CA MET B 34 -39.00 13.52 -20.55
C MET B 34 -37.79 12.70 -20.80
N HIS B 35 -36.94 12.48 -19.80
CA HIS B 35 -35.73 11.68 -19.95
C HIS B 35 -35.70 10.44 -19.03
N TRP B 36 -34.77 9.51 -19.23
CA TRP B 36 -34.67 8.36 -18.38
C TRP B 36 -33.20 8.21 -18.17
N VAL B 37 -32.75 8.08 -16.93
CA VAL B 37 -31.32 7.99 -16.63
C VAL B 37 -31.08 6.77 -15.74
N LYS B 38 -30.23 5.84 -16.07
CA LYS B 38 -30.06 4.71 -15.21
C LYS B 38 -28.90 5.05 -14.39
N GLN B 39 -28.66 4.24 -13.34
CA GLN B 39 -27.54 4.31 -12.35
C GLN B 39 -27.34 2.97 -11.63
N ARG B 40 -26.25 2.28 -11.89
CA ARG B 40 -25.96 0.99 -11.27
C ARG B 40 -25.09 1.20 -10.04
N PRO B 41 -25.31 0.42 -8.98
CA PRO B 41 -24.59 0.45 -7.69
C PRO B 41 -23.28 1.27 -7.56
N GLU B 42 -22.15 0.61 -7.67
CA GLU B 42 -20.89 1.35 -7.54
C GLU B 42 -20.59 2.17 -8.81
N GLN B 43 -21.62 2.65 -9.50
CA GLN B 43 -21.39 3.41 -10.73
C GLN B 43 -22.21 4.68 -10.94
N GLY B 44 -21.67 5.55 -11.78
CA GLY B 44 -22.33 6.81 -12.02
C GLY B 44 -23.49 6.72 -12.92
N LEU B 45 -24.12 7.86 -13.11
CA LEU B 45 -25.31 8.05 -13.96
C LEU B 45 -25.09 7.72 -15.45
N GLU B 46 -26.06 7.12 -16.11
CA GLU B 46 -25.99 6.79 -17.51
C GLU B 46 -27.27 7.18 -18.16
N TRP B 47 -27.22 7.95 -19.26
CA TRP B 47 -28.41 8.38 -20.02
C TRP B 47 -28.98 7.20 -20.84
N ILE B 48 -30.26 6.89 -20.66
CA ILE B 48 -30.95 5.80 -21.36
C ILE B 48 -31.49 6.34 -22.63
N GLY B 49 -32.32 7.39 -22.57
CA GLY B 49 -32.91 8.02 -23.74
C GLY B 49 -33.90 9.12 -23.40
N LEU B 50 -34.50 9.77 -24.39
CA LEU B 50 -35.48 10.84 -24.14
C LEU B 50 -36.76 10.62 -24.94
N ILE B 51 -37.73 11.50 -24.76
CA ILE B 51 -38.96 11.42 -25.52
C ILE B 51 -39.62 12.78 -25.54
N ASP B 52 -40.16 13.16 -26.69
CA ASP B 52 -40.83 14.45 -26.89
C ASP B 52 -42.33 14.17 -27.01
N PRO B 53 -42.99 14.00 -25.87
CA PRO B 53 -44.42 13.70 -25.80
C PRO B 53 -45.23 14.49 -26.79
N GLU B 54 -44.70 15.58 -27.27
CA GLU B 54 -45.45 16.39 -28.23
C GLU B 54 -45.77 15.69 -29.57
N ASN B 55 -44.74 15.57 -30.39
CA ASN B 55 -44.84 14.98 -31.70
C ASN B 55 -44.05 13.72 -31.46
N GLY B 56 -44.66 12.80 -30.70
CA GLY B 56 -44.11 11.50 -30.29
C GLY B 56 -42.72 10.92 -30.60
N ASN B 57 -41.72 11.79 -30.64
CA ASN B 57 -40.36 11.49 -31.03
C ASN B 57 -39.53 11.02 -29.89
N THR B 58 -38.61 10.10 -30.12
CA THR B 58 -37.76 9.63 -29.03
C THR B 58 -36.34 9.53 -29.54
N ILE B 59 -35.36 9.62 -28.65
CA ILE B 59 -33.94 9.56 -29.00
C ILE B 59 -33.33 8.58 -28.01
N TYR B 60 -32.39 7.75 -28.43
CA TYR B 60 -31.79 6.78 -27.52
C TYR B 60 -30.29 6.70 -27.55
N ASP B 61 -29.72 6.40 -26.40
CA ASP B 61 -28.30 6.25 -26.39
C ASP B 61 -28.13 4.97 -27.21
N PRO B 62 -27.07 4.90 -28.01
CA PRO B 62 -26.85 3.70 -28.79
C PRO B 62 -26.92 2.45 -27.93
N LYS B 63 -26.14 2.47 -26.86
CA LYS B 63 -26.02 1.36 -25.89
C LYS B 63 -27.32 0.73 -25.42
N PHE B 64 -28.45 1.43 -25.57
CA PHE B 64 -29.74 0.92 -25.11
C PHE B 64 -30.70 0.49 -26.16
N GLN B 65 -30.50 0.97 -27.40
CA GLN B 65 -31.37 0.66 -28.55
C GLN B 65 -31.68 -0.81 -28.60
N GLY B 66 -32.96 -1.10 -28.66
CA GLY B 66 -33.36 -2.49 -28.69
C GLY B 66 -33.61 -2.98 -27.27
N LYS B 67 -32.74 -2.59 -26.34
CA LYS B 67 -32.92 -2.98 -24.97
C LYS B 67 -34.00 -2.19 -24.34
N ALA B 68 -34.18 -0.94 -24.75
CA ALA B 68 -35.21 -0.07 -24.19
C ALA B 68 -36.24 0.46 -25.19
N SER B 69 -37.22 1.22 -24.70
CA SER B 69 -38.27 1.88 -25.48
C SER B 69 -39.12 2.77 -24.56
N ILE B 70 -38.88 4.07 -24.67
CA ILE B 70 -39.55 5.07 -23.87
C ILE B 70 -40.89 5.34 -24.52
N THR B 71 -41.99 5.20 -23.79
CA THR B 71 -43.33 5.51 -24.35
C THR B 71 -44.01 6.52 -23.41
N ALA B 72 -45.00 7.28 -23.87
CA ALA B 72 -45.69 8.27 -23.04
C ALA B 72 -47.14 8.32 -23.43
N ASP B 73 -48.01 8.41 -22.44
CA ASP B 73 -49.49 8.45 -22.55
C ASP B 73 -49.83 9.90 -22.14
N THR B 74 -49.99 10.73 -23.15
CA THR B 74 -50.26 12.14 -22.95
C THR B 74 -51.62 12.44 -22.25
N SER B 75 -52.48 11.43 -22.16
CA SER B 75 -53.78 11.59 -21.48
C SER B 75 -53.50 11.56 -19.99
N SER B 76 -52.90 10.46 -19.53
CA SER B 76 -52.55 10.25 -18.15
C SER B 76 -51.22 10.92 -17.75
N ASN B 77 -50.72 11.85 -18.56
CA ASN B 77 -49.48 12.54 -18.25
C ASN B 77 -48.43 11.65 -17.69
N THR B 78 -48.16 10.54 -18.39
CA THR B 78 -47.17 9.56 -17.96
C THR B 78 -46.19 9.16 -19.07
N ALA B 79 -44.91 9.10 -18.72
CA ALA B 79 -43.86 8.66 -19.62
C ALA B 79 -43.57 7.22 -19.15
N TYR B 80 -43.03 6.38 -20.02
CA TYR B 80 -42.73 5.02 -19.67
C TYR B 80 -41.32 4.70 -20.09
N LEU B 81 -40.84 3.52 -19.72
CA LEU B 81 -39.48 3.07 -20.04
C LEU B 81 -39.60 1.60 -19.84
N GLN B 82 -39.59 0.84 -20.92
CA GLN B 82 -39.74 -0.59 -20.81
C GLN B 82 -38.40 -1.21 -21.15
N LEU B 83 -37.86 -2.02 -20.23
CA LEU B 83 -36.60 -2.69 -20.52
C LEU B 83 -36.93 -4.11 -21.05
N SER B 84 -35.94 -4.90 -21.48
CA SER B 84 -36.22 -6.27 -21.99
C SER B 84 -35.05 -7.23 -22.06
N SER B 85 -35.33 -8.51 -22.31
CA SER B 85 -34.28 -9.53 -22.33
C SER B 85 -33.39 -9.25 -21.09
N LEU B 86 -34.00 -9.09 -19.91
CA LEU B 86 -33.31 -8.75 -18.67
C LEU B 86 -32.22 -9.65 -18.07
N THR B 87 -31.09 -9.03 -17.77
CA THR B 87 -29.99 -9.70 -17.13
C THR B 87 -29.61 -8.87 -15.91
N SER B 88 -28.97 -9.52 -14.95
CA SER B 88 -28.57 -8.90 -13.69
C SER B 88 -28.03 -7.51 -13.89
N GLU B 89 -27.49 -7.28 -15.07
CA GLU B 89 -26.89 -6.03 -15.47
C GLU B 89 -27.88 -4.90 -15.60
N ASP B 90 -29.16 -5.21 -15.44
CA ASP B 90 -30.20 -4.18 -15.50
C ASP B 90 -30.59 -3.70 -14.10
N THR B 91 -30.16 -4.45 -13.08
CA THR B 91 -30.40 -4.09 -11.71
C THR B 91 -29.74 -2.74 -11.41
N ALA B 92 -30.52 -1.68 -11.26
CA ALA B 92 -29.99 -0.34 -10.97
C ALA B 92 -31.18 0.52 -10.63
N VAL B 93 -30.99 1.83 -10.46
CA VAL B 93 -32.09 2.72 -10.12
C VAL B 93 -32.44 3.61 -11.29
N TYR B 94 -33.70 3.67 -11.68
CA TYR B 94 -34.07 4.48 -12.81
C TYR B 94 -34.70 5.78 -12.43
N TYR B 95 -34.16 6.92 -12.85
CA TYR B 95 -34.81 8.20 -12.60
C TYR B 95 -35.48 8.68 -13.92
N CYS B 96 -36.49 9.52 -13.88
CA CYS B 96 -37.07 10.03 -15.10
C CYS B 96 -36.90 11.48 -14.79
N ALA B 97 -36.52 12.31 -15.76
CA ALA B 97 -36.31 13.73 -15.50
C ALA B 97 -37.17 14.64 -16.38
N ARG B 98 -36.93 15.92 -16.35
CA ARG B 98 -37.73 16.80 -17.12
C ARG B 98 -36.73 17.78 -17.61
N ASP B 99 -36.71 17.94 -18.93
CA ASP B 99 -35.80 18.84 -19.61
C ASP B 99 -36.57 20.06 -20.04
N ASN B 100 -36.13 21.23 -19.59
CA ASN B 100 -36.76 22.48 -20.00
C ASN B 100 -35.92 23.10 -21.13
N SER B 101 -34.98 22.32 -21.66
CA SER B 101 -34.04 22.70 -22.71
C SER B 101 -32.71 23.14 -22.17
N TYR B 102 -32.67 24.05 -21.21
CA TYR B 102 -31.37 24.38 -20.66
C TYR B 102 -30.83 23.35 -19.66
N TYR B 103 -31.68 22.69 -18.85
CA TYR B 103 -31.20 21.64 -17.93
C TYR B 103 -32.34 20.78 -17.46
N PHE B 104 -32.03 19.60 -16.91
CA PHE B 104 -33.01 18.63 -16.36
C PHE B 104 -33.50 19.30 -15.05
N ASP B 105 -34.65 19.95 -15.06
CA ASP B 105 -35.07 20.66 -13.87
C ASP B 105 -36.02 20.03 -12.91
N TYR B 106 -36.20 18.71 -12.95
CA TYR B 106 -37.10 17.99 -12.03
C TYR B 106 -36.83 16.53 -12.15
N TRP B 107 -36.55 15.87 -11.04
CA TRP B 107 -36.27 14.47 -11.13
C TRP B 107 -37.24 13.70 -10.31
N GLY B 108 -37.73 12.57 -10.83
CA GLY B 108 -38.59 11.73 -10.03
C GLY B 108 -37.64 11.11 -9.01
N GLN B 109 -38.16 10.54 -7.92
CA GLN B 109 -37.32 9.89 -6.90
C GLN B 109 -36.90 8.65 -7.68
N GLY B 110 -36.04 7.79 -7.17
CA GLY B 110 -35.72 6.69 -8.09
C GLY B 110 -36.51 5.40 -8.02
N THR B 111 -36.56 4.60 -9.09
CA THR B 111 -37.23 3.27 -9.01
C THR B 111 -36.09 2.23 -8.80
N THR B 112 -36.20 1.32 -7.84
CA THR B 112 -35.06 0.44 -7.69
C THR B 112 -35.26 -0.92 -8.30
N LEU B 113 -34.95 -1.06 -9.61
CA LEU B 113 -35.13 -2.36 -10.27
C LEU B 113 -34.09 -3.41 -9.93
N THR B 114 -34.58 -4.57 -9.50
CA THR B 114 -33.79 -5.71 -9.08
C THR B 114 -34.29 -6.84 -9.95
N VAL B 115 -33.37 -7.46 -10.70
CA VAL B 115 -33.67 -8.58 -11.59
C VAL B 115 -33.09 -9.78 -10.86
N SER B 116 -33.97 -10.69 -10.45
CA SER B 116 -33.55 -11.87 -9.73
C SER B 116 -34.69 -12.85 -9.73
N SER B 117 -34.43 -14.03 -9.16
CA SER B 117 -35.42 -15.11 -9.10
C SER B 117 -35.79 -15.29 -7.66
N ALA B 118 -34.81 -15.04 -6.80
CA ALA B 118 -35.00 -15.12 -5.37
C ALA B 118 -36.32 -14.41 -5.17
N LYS B 119 -37.15 -14.95 -4.30
CA LYS B 119 -38.43 -14.35 -4.09
C LYS B 119 -38.43 -13.19 -3.12
N THR B 120 -39.51 -12.43 -3.12
CA THR B 120 -39.66 -11.34 -2.17
C THR B 120 -39.65 -11.89 -0.71
N THR B 121 -39.20 -11.07 0.24
CA THR B 121 -39.11 -11.47 1.68
C THR B 121 -39.24 -10.22 2.59
N PRO B 122 -40.46 -9.94 3.08
CA PRO B 122 -40.70 -8.79 3.94
C PRO B 122 -39.64 -8.71 5.04
N PRO B 123 -39.35 -7.51 5.56
CA PRO B 123 -38.31 -7.45 6.60
C PRO B 123 -38.78 -7.97 7.95
N SER B 124 -37.85 -8.00 8.88
CA SER B 124 -38.13 -8.39 10.27
C SER B 124 -37.57 -7.26 11.13
N VAL B 125 -38.42 -6.37 11.61
CA VAL B 125 -37.92 -5.26 12.41
C VAL B 125 -37.78 -5.59 13.93
N TYR B 126 -36.57 -5.58 14.45
CA TYR B 126 -36.35 -5.90 15.84
C TYR B 126 -35.85 -4.63 16.45
N PRO B 127 -36.45 -4.16 17.57
CA PRO B 127 -35.99 -2.91 18.18
C PRO B 127 -34.71 -3.14 18.94
N LEU B 128 -33.97 -2.08 19.19
CA LEU B 128 -32.73 -2.15 19.94
C LEU B 128 -32.80 -1.05 21.02
N ALA B 129 -33.35 -1.37 22.17
CA ALA B 129 -33.39 -0.40 23.25
C ALA B 129 -32.20 -0.73 24.10
N PRO B 130 -31.65 0.25 24.82
CA PRO B 130 -30.48 -0.09 25.65
C PRO B 130 -30.71 -1.17 26.71
N GLY B 131 -29.66 -1.95 27.00
CA GLY B 131 -29.74 -2.97 28.04
C GLY B 131 -29.62 -2.30 29.41
N SER B 132 -29.44 -0.98 29.36
CA SER B 132 -29.31 -0.04 30.50
C SER B 132 -28.71 1.22 29.85
N ALA B 133 -29.09 2.41 30.33
CA ALA B 133 -28.55 3.66 29.78
C ALA B 133 -27.03 3.57 29.59
N ALA B 134 -26.60 3.92 28.38
CA ALA B 134 -25.19 3.85 27.97
C ALA B 134 -24.31 5.00 28.43
N GLN B 135 -23.04 4.68 28.65
CA GLN B 135 -22.10 5.74 28.98
C GLN B 135 -21.28 6.10 27.72
N THR B 136 -21.83 7.11 27.06
CA THR B 136 -21.28 7.68 25.84
C THR B 136 -21.60 9.18 25.81
N ASN B 137 -22.90 9.47 25.85
CA ASN B 137 -23.37 10.83 25.78
C ASN B 137 -24.31 11.05 26.99
N SER B 138 -24.84 12.28 27.09
CA SER B 138 -25.82 12.65 28.11
C SER B 138 -27.11 12.03 27.58
N MET B 139 -27.32 12.24 26.28
CA MET B 139 -28.46 11.73 25.54
C MET B 139 -28.23 10.22 25.22
N VAL B 140 -29.33 9.49 24.99
CA VAL B 140 -29.31 8.05 24.71
C VAL B 140 -29.49 7.64 23.22
N THR B 141 -28.90 6.52 22.81
CA THR B 141 -28.95 5.98 21.43
C THR B 141 -29.84 4.75 21.27
N LEU B 142 -30.96 4.92 20.59
CA LEU B 142 -31.86 3.81 20.37
C LEU B 142 -31.54 3.30 18.96
N GLY B 143 -32.17 2.21 18.54
CA GLY B 143 -31.91 1.68 17.22
C GLY B 143 -32.98 0.72 16.77
N CYS B 144 -33.08 0.53 15.46
CA CYS B 144 -34.03 -0.36 14.87
C CYS B 144 -33.17 -1.31 14.00
N LEU B 145 -33.40 -2.63 14.03
CA LEU B 145 -32.59 -3.56 13.25
C LEU B 145 -33.35 -4.33 12.18
N VAL B 146 -33.56 -3.72 11.01
CA VAL B 146 -34.26 -4.38 9.91
C VAL B 146 -33.48 -5.60 9.33
N LYS B 147 -33.98 -6.81 9.51
CA LYS B 147 -33.25 -7.90 8.91
C LYS B 147 -34.04 -9.00 8.21
N GLY B 148 -33.33 -9.62 7.27
CA GLY B 148 -33.82 -10.72 6.45
C GLY B 148 -34.70 -10.34 5.28
N TYR B 149 -34.65 -9.10 4.82
CA TYR B 149 -35.53 -8.69 3.73
C TYR B 149 -34.90 -8.82 2.35
N PHE B 150 -35.71 -8.57 1.32
CA PHE B 150 -35.31 -8.67 -0.09
C PHE B 150 -36.56 -8.46 -0.92
N PRO B 151 -36.46 -7.71 -2.03
CA PRO B 151 -35.24 -7.07 -2.54
C PRO B 151 -35.18 -5.62 -1.99
N GLU B 152 -34.14 -4.86 -2.30
CA GLU B 152 -34.08 -3.49 -1.84
C GLU B 152 -35.16 -2.52 -2.45
N PRO B 153 -35.42 -1.40 -1.80
CA PRO B 153 -34.86 -0.87 -0.55
C PRO B 153 -35.87 -0.89 0.65
N VAL B 154 -35.49 -0.36 1.82
CA VAL B 154 -36.43 -0.29 2.97
C VAL B 154 -36.29 1.08 3.51
N THR B 155 -37.35 1.86 3.52
CA THR B 155 -37.25 3.20 4.04
C THR B 155 -37.49 3.23 5.55
N VAL B 156 -36.44 3.50 6.31
CA VAL B 156 -36.49 3.52 7.78
C VAL B 156 -36.60 4.94 8.34
N THR B 157 -37.73 5.23 8.95
CA THR B 157 -37.95 6.55 9.47
C THR B 157 -38.29 6.54 11.01
N TRP B 158 -38.02 7.64 11.73
CA TRP B 158 -38.31 7.76 13.15
C TRP B 158 -39.37 8.80 13.58
N ASN B 159 -40.42 8.29 14.23
CA ASN B 159 -41.56 9.05 14.68
C ASN B 159 -42.10 9.65 13.41
N SER B 160 -42.20 8.81 12.38
CA SER B 160 -42.68 9.19 11.04
C SER B 160 -41.96 10.42 10.51
N GLY B 161 -40.65 10.41 10.60
CA GLY B 161 -39.85 11.50 10.09
C GLY B 161 -39.71 12.74 10.94
N SER B 162 -40.54 12.88 11.96
CA SER B 162 -40.45 14.04 12.82
C SER B 162 -39.06 14.04 13.43
N LEU B 163 -38.79 12.99 14.20
CA LEU B 163 -37.51 12.77 14.87
C LEU B 163 -36.40 12.62 13.80
N SER B 164 -35.76 13.72 13.39
CA SER B 164 -34.73 13.61 12.37
C SER B 164 -33.29 13.84 12.75
N SER B 165 -33.05 14.83 13.59
CA SER B 165 -31.69 15.18 13.98
C SER B 165 -30.66 14.07 14.20
N GLY B 166 -30.85 13.21 15.20
CA GLY B 166 -29.84 12.17 15.44
C GLY B 166 -29.88 10.86 14.66
N VAL B 167 -30.46 10.83 13.46
CA VAL B 167 -30.54 9.58 12.72
C VAL B 167 -29.31 9.11 11.92
N HIS B 168 -29.22 7.81 11.76
CA HIS B 168 -28.11 7.26 11.04
C HIS B 168 -28.55 5.96 10.48
N THR B 169 -29.03 5.95 9.23
CA THR B 169 -29.41 4.69 8.63
C THR B 169 -28.20 4.12 7.92
N PHE B 170 -27.89 2.88 8.17
CA PHE B 170 -26.74 2.30 7.56
C PHE B 170 -27.28 1.49 6.42
N PRO B 171 -26.59 1.53 5.26
CA PRO B 171 -26.91 0.84 4.02
C PRO B 171 -26.98 -0.65 4.17
N ALA B 172 -27.88 -1.25 3.42
CA ALA B 172 -28.06 -2.68 3.50
C ALA B 172 -26.78 -3.49 3.31
N VAL B 173 -26.81 -4.75 3.72
CA VAL B 173 -25.69 -5.66 3.53
C VAL B 173 -26.24 -7.04 3.22
N LEU B 174 -25.81 -7.58 2.10
CA LEU B 174 -26.30 -8.88 1.69
C LEU B 174 -25.62 -9.97 2.50
N GLN B 175 -26.40 -10.97 2.85
CA GLN B 175 -25.96 -12.08 3.65
C GLN B 175 -26.97 -13.20 3.38
N SER B 176 -26.75 -13.94 2.29
CA SER B 176 -27.67 -15.03 1.94
C SER B 176 -28.94 -14.45 1.30
N ASP B 177 -28.79 -13.86 0.11
CA ASP B 177 -29.92 -13.26 -0.62
C ASP B 177 -30.68 -12.18 0.12
N LEU B 178 -30.52 -12.13 1.43
CA LEU B 178 -31.26 -11.16 2.19
C LEU B 178 -30.27 -10.18 2.78
N TYR B 179 -30.72 -8.95 2.98
CA TYR B 179 -29.90 -7.89 3.54
C TYR B 179 -30.32 -7.70 5.00
N THR B 180 -29.63 -6.75 5.61
CA THR B 180 -29.83 -6.34 6.96
C THR B 180 -29.35 -4.91 6.93
N LEU B 181 -30.27 -4.00 7.22
CA LEU B 181 -30.01 -2.55 7.29
C LEU B 181 -30.14 -2.29 8.79
N SER B 182 -29.89 -1.09 9.23
CA SER B 182 -30.03 -0.84 10.64
C SER B 182 -30.07 0.65 10.82
N SER B 183 -30.90 1.14 11.74
CA SER B 183 -30.98 2.57 11.97
C SER B 183 -30.76 2.86 13.48
N SER B 184 -30.32 4.06 13.82
CA SER B 184 -30.12 4.43 15.19
C SER B 184 -30.39 5.91 15.41
N VAL B 185 -31.52 6.24 16.03
CA VAL B 185 -31.87 7.61 16.39
C VAL B 185 -31.23 7.86 17.75
N THR B 186 -30.72 9.06 17.98
CA THR B 186 -30.15 9.34 19.29
C THR B 186 -30.86 10.54 19.89
N VAL B 187 -31.58 10.27 20.97
CA VAL B 187 -32.36 11.27 21.70
C VAL B 187 -31.85 11.51 23.09
N PRO B 188 -32.25 12.64 23.70
CA PRO B 188 -31.85 13.00 25.07
C PRO B 188 -32.42 11.96 26.05
N SER B 189 -31.67 11.69 27.12
CA SER B 189 -32.08 10.73 28.17
C SER B 189 -33.42 11.18 28.77
N SER B 190 -33.52 12.50 28.89
CA SER B 190 -34.70 13.21 29.36
C SER B 190 -35.92 13.13 28.48
N THR B 191 -35.83 12.42 27.37
CA THR B 191 -36.97 12.35 26.45
C THR B 191 -37.40 10.92 26.11
N TRP B 192 -36.79 9.95 26.79
CA TRP B 192 -37.09 8.54 26.59
C TRP B 192 -36.73 7.71 27.83
N PRO B 193 -37.68 6.89 28.36
CA PRO B 193 -39.07 6.65 27.94
C PRO B 193 -40.09 7.78 28.19
N SER B 194 -39.58 8.92 28.68
CA SER B 194 -40.43 10.08 28.97
C SER B 194 -41.39 10.28 27.78
N GLU B 195 -40.82 10.30 26.59
CA GLU B 195 -41.59 10.47 25.36
C GLU B 195 -41.60 9.18 24.55
N THR B 196 -42.25 9.19 23.40
CA THR B 196 -42.31 8.01 22.54
C THR B 196 -41.40 8.11 21.30
N VAL B 197 -40.71 7.00 21.01
CA VAL B 197 -39.80 6.96 19.87
C VAL B 197 -40.04 5.67 19.12
N THR B 198 -40.71 5.83 17.99
CA THR B 198 -41.03 4.72 17.13
C THR B 198 -40.20 4.75 15.83
N CYS B 199 -39.64 3.61 15.46
CA CYS B 199 -38.94 3.52 14.21
C CYS B 199 -39.97 2.78 13.35
N ASN B 200 -40.32 3.40 12.21
CA ASN B 200 -41.28 2.89 11.22
C ASN B 200 -40.55 2.49 9.96
N VAL B 201 -40.57 1.19 9.66
CA VAL B 201 -39.88 0.62 8.50
C VAL B 201 -40.72 0.34 7.24
N ALA B 202 -40.35 0.89 6.08
CA ALA B 202 -41.14 0.60 4.86
C ALA B 202 -40.39 -0.23 3.86
N HIS B 203 -41.00 -1.32 3.43
CA HIS B 203 -40.42 -2.23 2.45
C HIS B 203 -41.39 -2.35 1.26
N PRO B 204 -41.32 -1.37 0.32
CA PRO B 204 -42.11 -1.20 -0.88
C PRO B 204 -42.17 -2.39 -1.81
N ALA B 205 -41.06 -3.10 -2.00
CA ALA B 205 -41.11 -4.24 -2.90
C ALA B 205 -42.18 -5.27 -2.53
N SER B 206 -42.70 -5.18 -1.26
CA SER B 206 -43.76 -6.07 -0.73
C SER B 206 -44.91 -5.36 -0.01
N SER B 207 -45.11 -4.08 -0.34
CA SER B 207 -46.15 -3.24 0.24
C SER B 207 -46.33 -3.37 1.74
N THR B 208 -45.19 -3.45 2.43
CA THR B 208 -45.11 -3.58 3.89
C THR B 208 -44.60 -2.34 4.63
N LYS B 209 -45.31 -1.97 5.69
CA LYS B 209 -44.88 -0.83 6.51
C LYS B 209 -45.00 -1.35 7.96
N VAL B 210 -43.86 -1.53 8.59
CA VAL B 210 -43.82 -2.05 9.95
C VAL B 210 -43.55 -0.87 10.88
N ASP B 211 -44.27 -0.80 12.01
CA ASP B 211 -44.06 0.26 13.00
C ASP B 211 -43.72 -0.30 14.35
N LYS B 212 -42.49 -0.04 14.74
CA LYS B 212 -41.96 -0.49 16.01
C LYS B 212 -41.84 0.67 17.01
N LYS B 213 -42.22 0.37 18.26
CA LYS B 213 -42.18 1.26 19.40
C LYS B 213 -41.07 0.60 20.16
N ILE B 214 -40.02 1.32 20.53
CA ILE B 214 -38.91 0.69 21.24
C ILE B 214 -38.93 0.87 22.79
N THR C 4 -84.99 46.72 -21.57
CA THR C 4 -84.26 46.57 -22.88
C THR C 4 -83.95 45.08 -23.06
N ASN C 5 -82.79 44.81 -23.65
CA ASN C 5 -82.30 43.47 -23.90
C ASN C 5 -81.23 43.61 -24.98
N THR C 6 -80.01 43.30 -24.57
CA THR C 6 -78.82 43.30 -25.41
C THR C 6 -77.97 42.37 -24.56
N VAL C 7 -77.50 41.29 -25.15
CA VAL C 7 -76.71 40.34 -24.39
C VAL C 7 -75.27 40.78 -24.26
N ALA C 8 -74.71 40.43 -23.11
CA ALA C 8 -73.31 40.73 -22.82
C ALA C 8 -72.54 39.60 -23.52
N ALA C 9 -71.21 39.66 -23.44
CA ALA C 9 -70.38 38.68 -24.09
C ALA C 9 -69.98 37.44 -23.27
N TYR C 10 -69.55 36.42 -23.99
CA TYR C 10 -69.08 35.15 -23.42
C TYR C 10 -68.13 34.58 -24.45
N ASN C 11 -67.15 33.85 -23.96
CA ASN C 11 -66.17 33.23 -24.83
C ASN C 11 -65.15 34.19 -25.36
N LEU C 12 -64.62 35.05 -24.50
CA LEU C 12 -63.59 35.98 -24.92
C LEU C 12 -62.28 35.20 -25.00
N THR C 13 -61.75 35.05 -26.20
CA THR C 13 -60.53 34.28 -26.39
C THR C 13 -59.42 35.05 -26.99
N TRP C 14 -58.25 34.95 -26.40
CA TRP C 14 -57.10 35.64 -26.94
C TRP C 14 -56.54 34.65 -27.97
N LYS C 15 -56.37 35.10 -29.21
CA LYS C 15 -55.83 34.24 -30.25
C LYS C 15 -54.64 34.99 -30.80
N SER C 16 -53.47 34.35 -30.81
CA SER C 16 -52.28 35.00 -31.31
C SER C 16 -51.06 34.14 -31.62
N THR C 17 -50.45 34.43 -32.78
CA THR C 17 -49.22 33.79 -33.24
C THR C 17 -48.20 34.95 -33.46
N ASN C 18 -46.93 34.74 -33.12
CA ASN C 18 -45.94 35.77 -33.25
C ASN C 18 -46.42 37.21 -32.90
N PHE C 19 -46.99 37.31 -31.72
CA PHE C 19 -47.52 38.54 -31.15
C PHE C 19 -48.68 39.24 -31.89
N LYS C 20 -49.16 38.63 -32.98
CA LYS C 20 -50.28 39.19 -33.74
C LYS C 20 -51.47 38.71 -32.96
N THR C 21 -52.01 39.64 -32.18
CA THR C 21 -53.09 39.34 -31.30
C THR C 21 -54.50 39.82 -31.66
N ILE C 22 -55.45 38.92 -31.52
CA ILE C 22 -56.82 39.25 -31.82
C ILE C 22 -57.70 38.62 -30.79
N LEU C 23 -58.73 39.37 -30.43
CA LEU C 23 -59.69 38.93 -29.47
C LEU C 23 -60.97 38.59 -30.20
N GLU C 24 -61.31 37.30 -30.22
CA GLU C 24 -62.54 36.83 -30.83
C GLU C 24 -63.47 36.55 -29.66
N TRP C 25 -64.79 36.73 -29.86
CA TRP C 25 -65.76 36.46 -28.80
C TRP C 25 -67.14 36.09 -29.31
N GLU C 26 -68.07 35.94 -28.36
CA GLU C 26 -69.44 35.57 -28.66
C GLU C 26 -70.41 36.38 -27.81
N PRO C 27 -71.70 36.39 -28.18
CA PRO C 27 -72.20 35.68 -29.36
C PRO C 27 -72.21 36.59 -30.55
N LYS C 28 -72.51 36.04 -31.71
CA LYS C 28 -72.58 36.82 -32.92
C LYS C 28 -73.61 37.89 -32.55
N PRO C 29 -73.34 39.15 -32.94
CA PRO C 29 -74.29 40.22 -32.61
C PRO C 29 -75.70 40.04 -33.18
N VAL C 30 -76.69 40.00 -32.29
CA VAL C 30 -78.10 39.89 -32.69
C VAL C 30 -78.78 41.27 -32.45
N ASN C 31 -78.66 42.18 -33.44
CA ASN C 31 -79.24 43.52 -33.27
C ASN C 31 -78.57 44.25 -32.10
N GLN C 32 -77.24 44.32 -32.16
CA GLN C 32 -76.39 44.97 -31.17
C GLN C 32 -74.97 45.13 -31.71
N VAL C 33 -74.28 46.16 -31.21
CA VAL C 33 -72.89 46.46 -31.55
C VAL C 33 -71.97 46.40 -30.30
N TYR C 34 -70.75 45.91 -30.46
CA TYR C 34 -69.81 45.80 -29.37
C TYR C 34 -68.76 46.88 -29.52
N THR C 35 -68.23 47.35 -28.38
CA THR C 35 -67.12 48.29 -28.37
C THR C 35 -66.15 47.58 -27.42
N VAL C 36 -64.85 47.66 -27.70
CA VAL C 36 -63.82 46.97 -26.93
C VAL C 36 -62.85 47.90 -26.21
N GLN C 37 -62.66 47.63 -24.92
CA GLN C 37 -61.73 48.41 -24.14
C GLN C 37 -60.59 47.50 -23.72
N ILE C 38 -59.35 47.98 -23.94
CA ILE C 38 -58.12 47.27 -23.59
C ILE C 38 -57.21 48.17 -22.78
N SER C 39 -56.62 47.62 -21.71
CA SER C 39 -55.69 48.35 -20.86
C SER C 39 -54.61 47.35 -20.53
N THR C 40 -53.60 47.78 -19.80
CA THR C 40 -52.53 46.87 -19.42
C THR C 40 -53.06 46.07 -18.22
N LYS C 41 -52.24 45.94 -17.17
CA LYS C 41 -52.67 45.23 -15.97
C LYS C 41 -53.32 46.24 -15.02
N SER C 42 -54.65 46.14 -14.92
CA SER C 42 -55.47 47.00 -14.06
C SER C 42 -55.22 48.52 -14.27
N GLY C 43 -55.86 49.10 -15.29
CA GLY C 43 -55.61 50.53 -15.54
C GLY C 43 -56.49 51.31 -16.51
N ASP C 44 -56.00 52.50 -16.87
CA ASP C 44 -56.74 53.39 -17.78
C ASP C 44 -57.06 52.63 -19.05
N TRP C 45 -58.33 52.32 -19.17
CA TRP C 45 -58.77 51.58 -20.30
C TRP C 45 -58.69 52.36 -21.59
N LYS C 46 -58.36 51.67 -22.67
CA LYS C 46 -58.31 52.31 -23.95
C LYS C 46 -59.21 51.58 -24.91
N SER C 47 -60.24 52.28 -25.37
CA SER C 47 -61.19 51.75 -26.33
C SER C 47 -60.42 51.59 -27.67
N LYS C 48 -60.74 50.56 -28.44
CA LYS C 48 -60.07 50.33 -29.73
C LYS C 48 -61.01 49.89 -30.87
N CYS C 49 -61.94 48.98 -30.59
CA CYS C 49 -62.82 48.50 -31.66
C CYS C 49 -64.21 49.09 -31.55
N PHE C 50 -64.34 50.35 -31.97
CA PHE C 50 -65.62 51.02 -31.87
C PHE C 50 -66.88 50.45 -32.56
N TYR C 51 -67.94 50.32 -31.75
CA TYR C 51 -69.26 49.84 -32.13
C TYR C 51 -69.32 48.96 -33.38
N THR C 52 -68.36 48.05 -33.43
CA THR C 52 -68.24 47.08 -34.51
C THR C 52 -69.41 46.11 -34.42
N THR C 53 -69.42 45.17 -35.36
CA THR C 53 -70.42 44.13 -35.37
C THR C 53 -69.67 42.83 -35.56
N ASP C 54 -68.35 42.95 -35.67
CA ASP C 54 -67.52 41.77 -35.81
C ASP C 54 -67.29 41.23 -34.42
N THR C 55 -67.15 39.93 -34.28
CA THR C 55 -66.90 39.39 -32.95
C THR C 55 -65.38 39.17 -32.80
N GLU C 56 -64.60 40.05 -33.43
CA GLU C 56 -63.14 39.97 -33.38
C GLU C 56 -62.53 41.38 -33.37
N CYS C 57 -61.48 41.54 -32.57
CA CYS C 57 -60.83 42.82 -32.45
C CYS C 57 -59.32 42.58 -32.48
N ASP C 58 -58.66 43.18 -33.48
CA ASP C 58 -57.23 43.06 -33.65
C ASP C 58 -56.62 44.14 -32.76
N LEU C 59 -56.09 43.69 -31.62
CA LEU C 59 -55.47 44.58 -30.64
C LEU C 59 -53.96 44.61 -30.75
N THR C 60 -53.40 44.17 -31.86
CA THR C 60 -51.92 44.10 -31.92
C THR C 60 -51.10 45.33 -31.53
N ASP C 61 -51.45 46.46 -32.13
CA ASP C 61 -50.78 47.75 -31.92
C ASP C 61 -50.60 48.03 -30.44
N GLU C 62 -51.58 47.58 -29.68
CA GLU C 62 -51.56 47.71 -28.24
C GLU C 62 -50.57 46.69 -27.59
N ILE C 63 -50.87 45.39 -27.70
CA ILE C 63 -49.99 44.39 -27.08
C ILE C 63 -48.48 44.53 -27.44
N VAL C 64 -48.16 44.80 -28.70
CA VAL C 64 -46.74 44.92 -29.07
C VAL C 64 -45.94 46.09 -28.41
N LYS C 65 -46.61 47.09 -27.83
CA LYS C 65 -45.87 48.17 -27.20
C LYS C 65 -45.03 47.62 -26.03
N ASP C 66 -45.47 46.51 -25.44
CA ASP C 66 -44.77 45.90 -24.31
C ASP C 66 -45.21 44.45 -24.10
N VAL C 67 -44.56 43.57 -24.84
CA VAL C 67 -44.87 42.16 -24.83
C VAL C 67 -44.76 41.45 -23.48
N LYS C 68 -44.10 42.09 -22.52
CA LYS C 68 -43.92 41.49 -21.19
C LYS C 68 -45.04 41.84 -20.21
N GLN C 69 -45.91 42.74 -20.62
CA GLN C 69 -46.99 43.18 -19.75
C GLN C 69 -48.14 42.20 -19.83
N THR C 70 -49.07 42.30 -18.89
CA THR C 70 -50.25 41.45 -18.93
C THR C 70 -51.41 42.37 -19.17
N TYR C 71 -51.99 42.26 -20.37
CA TYR C 71 -53.11 43.08 -20.80
C TYR C 71 -54.44 42.50 -20.36
N LEU C 72 -55.37 43.40 -20.13
CA LEU C 72 -56.70 43.06 -19.68
C LEU C 72 -57.62 43.77 -20.64
N ALA C 73 -58.77 43.20 -20.91
CA ALA C 73 -59.66 43.79 -21.88
C ALA C 73 -61.08 43.48 -21.57
N ARG C 74 -61.96 44.20 -22.22
CA ARG C 74 -63.37 43.97 -22.02
C ARG C 74 -64.15 44.38 -23.26
N VAL C 75 -65.33 43.78 -23.37
CA VAL C 75 -66.22 43.99 -24.49
C VAL C 75 -67.59 44.45 -24.00
N PHE C 76 -67.90 45.69 -24.34
CA PHE C 76 -69.16 46.32 -24.00
C PHE C 76 -70.18 46.01 -25.09
N SER C 77 -71.37 45.56 -24.69
CA SER C 77 -72.46 45.23 -25.61
C SER C 77 -73.48 46.35 -25.69
N TYR C 78 -73.54 46.99 -26.84
CA TYR C 78 -74.49 48.07 -27.11
C TYR C 78 -75.61 47.66 -28.06
N PRO C 79 -76.85 48.05 -27.77
CA PRO C 79 -78.06 47.75 -28.57
C PRO C 79 -78.10 48.46 -29.94
N ALA C 80 -78.26 47.65 -31.00
CA ALA C 80 -78.32 48.16 -32.38
C ALA C 80 -79.70 48.68 -32.72
N GLY C 81 -79.72 49.58 -33.69
CA GLY C 81 -80.97 50.17 -34.14
C GLY C 81 -81.58 51.23 -33.23
N ASN C 82 -82.73 51.70 -33.65
CA ASN C 82 -83.49 52.70 -32.91
C ASN C 82 -84.71 52.01 -32.25
N GLU C 91 -75.77 52.52 -18.88
CA GLU C 91 -74.95 51.38 -18.33
C GLU C 91 -74.91 50.11 -19.23
N PRO C 92 -74.06 50.12 -20.29
CA PRO C 92 -73.97 48.95 -21.19
C PRO C 92 -73.46 47.74 -20.45
N LEU C 93 -73.81 46.55 -20.95
CA LEU C 93 -73.35 45.31 -20.31
C LEU C 93 -71.94 45.10 -20.83
N TYR C 94 -71.10 44.43 -20.05
CA TYR C 94 -69.73 44.15 -20.49
C TYR C 94 -69.21 42.91 -19.83
N GLU C 95 -68.28 42.25 -20.50
CA GLU C 95 -67.69 41.05 -19.95
C GLU C 95 -66.21 41.26 -20.15
N ASN C 96 -65.41 40.80 -19.20
CA ASN C 96 -63.99 40.98 -19.26
C ASN C 96 -63.34 39.79 -19.85
N SER C 97 -62.19 40.05 -20.46
CA SER C 97 -61.38 39.03 -21.10
C SER C 97 -60.45 38.46 -20.05
N PRO C 98 -59.79 37.34 -20.37
CA PRO C 98 -58.85 36.73 -19.44
C PRO C 98 -57.63 37.66 -19.55
N GLU C 99 -56.60 37.41 -18.74
CA GLU C 99 -55.39 38.24 -18.79
C GLU C 99 -54.56 37.71 -19.93
N PHE C 100 -53.72 38.55 -20.50
CA PHE C 100 -52.89 38.09 -21.58
C PHE C 100 -51.51 38.64 -21.33
N THR C 101 -50.52 37.75 -21.37
CA THR C 101 -49.13 38.11 -21.19
C THR C 101 -48.44 37.61 -22.45
N PRO C 102 -48.38 38.48 -23.47
CA PRO C 102 -47.79 38.27 -24.79
C PRO C 102 -46.56 37.38 -24.80
N TYR C 103 -45.57 37.73 -24.00
CA TYR C 103 -44.32 36.99 -23.94
C TYR C 103 -44.49 35.53 -23.54
N LEU C 104 -45.56 35.21 -22.82
CA LEU C 104 -45.70 33.83 -22.38
C LEU C 104 -46.81 32.97 -22.96
N GLU C 105 -47.60 33.48 -23.89
CA GLU C 105 -48.72 32.67 -24.38
C GLU C 105 -48.98 32.67 -25.90
N THR C 106 -48.27 33.55 -26.60
CA THR C 106 -48.44 33.66 -28.03
C THR C 106 -47.83 32.42 -28.57
N ASN C 107 -48.57 31.79 -29.47
CA ASN C 107 -48.10 30.58 -30.08
C ASN C 107 -46.93 30.92 -30.99
N LEU C 108 -46.00 29.99 -31.08
CA LEU C 108 -44.85 30.21 -31.92
C LEU C 108 -45.11 29.58 -33.28
N GLY C 109 -45.09 30.41 -34.31
CA GLY C 109 -45.34 29.96 -35.66
C GLY C 109 -44.44 28.82 -36.08
N GLN C 110 -44.91 28.00 -36.99
CA GLN C 110 -44.10 26.89 -37.46
C GLN C 110 -42.78 27.38 -38.02
N PRO C 111 -41.68 26.81 -37.56
CA PRO C 111 -40.32 27.13 -37.99
C PRO C 111 -40.09 26.76 -39.44
N THR C 112 -38.95 27.21 -39.98
CA THR C 112 -38.60 26.89 -41.35
C THR C 112 -37.13 26.85 -41.50
N ILE C 113 -36.62 25.74 -42.00
CA ILE C 113 -35.19 25.65 -42.30
C ILE C 113 -34.99 26.57 -43.51
N GLN C 114 -34.23 27.63 -43.31
CA GLN C 114 -33.98 28.61 -44.35
C GLN C 114 -33.07 28.17 -45.48
N SER C 115 -32.15 27.27 -45.19
CA SER C 115 -31.22 26.85 -46.22
C SER C 115 -30.19 25.96 -45.61
N PHE C 116 -29.31 25.38 -46.43
CA PHE C 116 -28.24 24.59 -45.88
C PHE C 116 -27.15 24.07 -46.79
N GLU C 117 -25.90 24.43 -46.50
CA GLU C 117 -24.81 23.97 -47.32
C GLU C 117 -23.56 23.52 -46.57
N GLN C 118 -23.12 22.31 -46.90
CA GLN C 118 -21.94 21.71 -46.29
C GLN C 118 -20.74 22.65 -46.16
N VAL C 119 -20.19 22.64 -44.93
CA VAL C 119 -19.03 23.42 -44.53
C VAL C 119 -17.94 22.47 -44.06
N GLY C 120 -17.34 21.73 -45.00
CA GLY C 120 -16.27 20.81 -44.66
C GLY C 120 -16.87 19.47 -44.36
N THR C 121 -16.36 18.79 -43.34
CA THR C 121 -16.85 17.45 -42.93
C THR C 121 -18.24 17.45 -42.23
N LYS C 122 -18.90 18.61 -42.28
CA LYS C 122 -20.18 18.83 -41.64
C LYS C 122 -21.15 19.50 -42.63
N VAL C 123 -22.40 19.69 -42.19
CA VAL C 123 -23.53 20.24 -42.98
C VAL C 123 -24.17 21.50 -42.34
N ASN C 124 -23.68 22.70 -42.60
CA ASN C 124 -24.29 23.88 -41.97
C ASN C 124 -25.82 24.01 -42.16
N VAL C 125 -26.66 23.64 -41.17
CA VAL C 125 -28.15 23.80 -41.30
C VAL C 125 -28.57 25.17 -40.71
N THR C 126 -29.70 25.74 -41.09
CA THR C 126 -30.09 27.05 -40.61
C THR C 126 -31.59 27.32 -40.56
N VAL C 127 -32.04 28.06 -39.56
CA VAL C 127 -33.45 28.33 -39.40
C VAL C 127 -33.72 29.79 -39.81
N GLU C 128 -34.86 30.03 -40.47
CA GLU C 128 -35.25 31.37 -40.92
C GLU C 128 -35.52 32.22 -39.67
N ASP C 129 -34.95 33.42 -39.59
CA ASP C 129 -35.19 34.27 -38.44
C ASP C 129 -36.45 35.12 -38.56
N GLU C 130 -37.60 34.45 -38.60
CA GLU C 130 -38.93 35.08 -38.68
C GLU C 130 -39.02 36.51 -38.19
N ARG C 131 -39.85 37.31 -38.85
CA ARG C 131 -40.06 38.71 -38.48
C ARG C 131 -41.36 38.76 -37.64
N THR C 132 -41.44 39.72 -36.73
CA THR C 132 -42.61 39.89 -35.87
C THR C 132 -43.12 41.31 -35.88
N LEU C 133 -44.40 41.44 -35.60
CA LEU C 133 -45.04 42.74 -35.52
C LEU C 133 -44.38 43.65 -34.46
N VAL C 134 -43.68 43.06 -33.49
CA VAL C 134 -43.01 43.83 -32.43
C VAL C 134 -42.18 44.90 -33.13
N ARG C 135 -42.34 46.13 -32.69
CA ARG C 135 -41.61 47.21 -33.32
C ARG C 135 -40.77 48.12 -32.41
N ARG C 136 -39.47 47.82 -32.31
CA ARG C 136 -38.56 48.64 -31.51
C ARG C 136 -38.09 49.71 -32.44
N ASN C 137 -38.04 50.94 -31.92
CA ASN C 137 -37.65 52.10 -32.71
C ASN C 137 -38.62 51.99 -33.90
N ASN C 138 -38.21 52.43 -35.08
CA ASN C 138 -39.10 52.36 -36.23
C ASN C 138 -38.81 51.11 -37.02
N THR C 139 -38.49 50.05 -36.27
CA THR C 139 -38.12 48.75 -36.82
C THR C 139 -38.90 47.57 -36.22
N PHE C 140 -39.14 46.54 -37.03
CA PHE C 140 -39.81 45.31 -36.58
C PHE C 140 -38.71 44.35 -36.13
N LEU C 141 -38.74 43.93 -34.87
CA LEU C 141 -37.72 43.03 -34.38
C LEU C 141 -38.06 41.60 -34.80
N SER C 142 -37.05 40.77 -34.91
CA SER C 142 -37.29 39.40 -35.30
C SER C 142 -37.72 38.58 -34.13
N LEU C 143 -38.03 37.33 -34.40
CA LEU C 143 -38.42 36.43 -33.34
C LEU C 143 -37.25 36.43 -32.40
N ARG C 144 -36.07 36.18 -32.92
CA ARG C 144 -34.85 36.13 -32.11
C ARG C 144 -34.50 37.47 -31.45
N ASP C 145 -35.02 38.55 -32.01
CA ASP C 145 -34.73 39.86 -31.46
C ASP C 145 -35.56 40.05 -30.24
N VAL C 146 -36.75 39.44 -30.25
CA VAL C 146 -37.61 39.55 -29.10
C VAL C 146 -37.25 38.63 -27.96
N PHE C 147 -36.93 37.36 -28.23
CA PHE C 147 -36.64 36.41 -27.16
C PHE C 147 -35.20 36.25 -26.78
N GLY C 148 -34.28 36.60 -27.65
CA GLY C 148 -32.89 36.40 -27.26
C GLY C 148 -32.48 34.95 -27.02
N LYS C 149 -31.60 34.74 -26.05
CA LYS C 149 -31.13 33.41 -25.70
C LYS C 149 -32.28 32.57 -25.10
N ASP C 150 -33.44 33.18 -24.95
CA ASP C 150 -34.60 32.52 -24.39
C ASP C 150 -35.36 31.91 -25.54
N LEU C 151 -34.65 31.30 -26.46
CA LEU C 151 -35.28 30.67 -27.61
C LEU C 151 -34.27 29.64 -28.06
N ILE C 152 -34.64 28.39 -27.88
CA ILE C 152 -33.75 27.30 -28.26
C ILE C 152 -34.44 26.66 -29.46
N TYR C 153 -33.67 26.17 -30.44
CA TYR C 153 -34.23 25.47 -31.60
C TYR C 153 -33.76 24.03 -31.46
N THR C 154 -34.69 23.10 -31.57
CA THR C 154 -34.36 21.69 -31.41
C THR C 154 -34.36 21.02 -32.78
N LEU C 155 -33.23 20.51 -33.22
CA LEU C 155 -33.20 19.86 -34.51
C LEU C 155 -33.21 18.35 -34.42
N TYR C 156 -34.19 17.68 -35.03
CA TYR C 156 -34.18 16.21 -35.06
C TYR C 156 -33.76 15.96 -36.48
N TYR C 157 -32.79 15.08 -36.68
CA TYR C 157 -32.34 14.71 -37.99
C TYR C 157 -32.19 13.23 -37.92
N TRP C 158 -32.07 12.54 -39.04
CA TRP C 158 -31.92 11.09 -39.00
C TRP C 158 -31.72 10.65 -40.41
N LYS C 159 -31.00 9.55 -40.59
CA LYS C 159 -30.75 9.07 -41.93
C LYS C 159 -31.77 8.06 -42.42
N SER C 160 -32.42 8.45 -43.51
CA SER C 160 -33.43 7.72 -44.27
C SER C 160 -33.32 6.23 -44.09
N SER C 161 -32.09 5.75 -44.24
CA SER C 161 -31.76 4.36 -44.07
C SER C 161 -32.53 3.72 -42.92
N SER C 162 -32.36 4.28 -41.72
CA SER C 162 -33.01 3.81 -40.45
C SER C 162 -34.17 4.59 -39.85
N SER C 163 -34.66 4.04 -38.76
CA SER C 163 -35.77 4.55 -38.01
C SER C 163 -35.36 5.36 -36.76
N GLY C 164 -34.16 5.09 -36.24
CA GLY C 164 -33.67 5.79 -35.06
C GLY C 164 -33.08 7.18 -35.32
N LYS C 165 -33.65 8.21 -34.68
CA LYS C 165 -33.21 9.60 -34.85
C LYS C 165 -32.00 10.10 -34.05
N LYS C 166 -31.76 11.40 -34.12
CA LYS C 166 -30.68 12.03 -33.39
C LYS C 166 -31.11 13.48 -33.11
N THR C 167 -30.51 14.14 -32.10
CA THR C 167 -30.91 15.51 -31.76
C THR C 167 -29.77 16.48 -31.53
N ALA C 168 -30.03 17.77 -31.70
CA ALA C 168 -29.05 18.80 -31.46
C ALA C 168 -29.78 20.11 -31.18
N LYS C 169 -29.27 20.83 -30.20
CA LYS C 169 -29.86 22.03 -29.68
C LYS C 169 -29.03 23.21 -30.15
N THR C 170 -29.65 24.37 -30.26
CA THR C 170 -28.95 25.57 -30.64
C THR C 170 -29.78 26.75 -30.15
N ASN C 171 -29.11 27.81 -29.72
CA ASN C 171 -29.84 29.03 -29.31
C ASN C 171 -29.42 30.27 -30.13
N THR C 172 -29.16 29.99 -31.41
CA THR C 172 -28.82 30.96 -32.43
C THR C 172 -29.64 30.39 -33.57
N ASN C 173 -29.17 30.52 -34.82
CA ASN C 173 -29.95 29.98 -35.91
C ASN C 173 -29.31 28.90 -36.77
N GLU C 174 -28.10 28.47 -36.49
CA GLU C 174 -27.53 27.45 -37.32
C GLU C 174 -26.97 26.31 -36.51
N PHE C 175 -26.90 25.15 -37.13
CA PHE C 175 -26.33 23.97 -36.53
C PHE C 175 -25.16 23.54 -37.45
N LEU C 176 -24.18 22.84 -36.92
CA LEU C 176 -23.05 22.39 -37.71
C LEU C 176 -22.95 20.97 -37.33
N ILE C 177 -23.83 20.20 -37.92
CA ILE C 177 -23.89 18.78 -37.64
C ILE C 177 -23.05 17.93 -38.60
N ASP C 178 -22.21 17.05 -38.09
CA ASP C 178 -21.47 16.12 -38.96
C ASP C 178 -22.57 15.15 -39.49
N VAL C 179 -22.32 14.48 -40.60
CA VAL C 179 -23.28 13.52 -41.18
C VAL C 179 -22.43 12.51 -41.89
N ASP C 180 -22.98 11.34 -42.22
CA ASP C 180 -22.19 10.33 -42.91
C ASP C 180 -22.00 10.52 -44.40
N LYS C 181 -20.74 10.35 -44.83
CA LYS C 181 -20.35 10.50 -46.24
C LYS C 181 -21.25 9.70 -47.12
N GLY C 182 -21.90 10.44 -48.02
CA GLY C 182 -22.83 9.86 -48.98
C GLY C 182 -24.00 9.09 -48.36
N GLU C 183 -24.95 9.83 -47.78
CA GLU C 183 -26.11 9.27 -47.08
C GLU C 183 -27.29 10.21 -47.14
N ASN C 184 -28.51 9.69 -47.08
CA ASN C 184 -29.65 10.60 -47.09
C ASN C 184 -30.14 10.97 -45.67
N TYR C 185 -30.13 12.25 -45.31
CA TYR C 185 -30.56 12.67 -44.00
C TYR C 185 -31.66 13.67 -44.06
N CYS C 186 -32.81 13.33 -43.48
CA CYS C 186 -33.95 14.24 -43.37
C CYS C 186 -33.81 15.11 -42.12
N PHE C 187 -34.51 16.22 -42.07
CA PHE C 187 -34.41 17.12 -40.95
C PHE C 187 -35.75 17.62 -40.55
N SER C 188 -35.80 18.26 -39.39
CA SER C 188 -37.04 18.75 -38.80
C SER C 188 -36.56 19.51 -37.57
N VAL C 189 -37.16 20.67 -37.27
CA VAL C 189 -36.69 21.49 -36.15
C VAL C 189 -37.83 22.12 -35.41
N GLN C 190 -37.76 22.20 -34.06
CA GLN C 190 -38.85 22.83 -33.24
C GLN C 190 -38.39 23.96 -32.33
N ALA C 191 -39.23 24.98 -32.20
CA ALA C 191 -38.86 26.12 -31.39
C ALA C 191 -39.41 25.90 -30.04
N VAL C 192 -38.57 26.13 -29.06
CA VAL C 192 -38.91 25.98 -27.68
C VAL C 192 -38.52 27.25 -26.94
N ILE C 193 -39.45 27.91 -26.26
CA ILE C 193 -39.04 29.05 -25.41
C ILE C 193 -38.81 28.31 -24.04
N PRO C 194 -37.57 28.23 -23.54
CA PRO C 194 -37.43 27.53 -22.27
C PRO C 194 -38.07 28.26 -21.10
N SER C 195 -38.02 29.58 -21.13
CA SER C 195 -38.58 30.31 -20.00
C SER C 195 -40.03 30.03 -19.62
N ARG C 196 -40.84 29.62 -20.58
CA ARG C 196 -42.27 29.39 -20.38
C ARG C 196 -42.64 28.16 -19.59
N THR C 197 -43.92 28.10 -19.23
CA THR C 197 -44.47 27.00 -18.44
C THR C 197 -45.65 26.33 -19.16
N VAL C 198 -46.00 26.87 -20.33
CA VAL C 198 -47.11 26.34 -21.14
C VAL C 198 -46.95 26.27 -22.66
N ASN C 199 -47.15 27.35 -23.41
CA ASN C 199 -46.98 27.30 -24.88
C ASN C 199 -45.49 27.22 -25.20
N ARG C 200 -44.79 26.25 -24.63
CA ARG C 200 -43.34 26.22 -24.79
C ARG C 200 -42.83 25.85 -26.15
N LYS C 201 -43.59 25.06 -26.87
CA LYS C 201 -43.15 24.61 -28.17
C LYS C 201 -44.01 25.08 -29.38
N SER C 202 -43.43 24.96 -30.59
CA SER C 202 -44.09 25.35 -31.84
C SER C 202 -44.34 24.03 -32.52
N THR C 203 -44.98 24.05 -33.67
CA THR C 203 -45.17 22.83 -34.45
C THR C 203 -43.82 22.56 -35.11
N ASP C 204 -43.60 21.33 -35.50
CA ASP C 204 -42.38 20.93 -36.17
C ASP C 204 -42.39 21.40 -37.65
N SER C 205 -41.27 21.96 -38.09
CA SER C 205 -41.09 22.45 -39.45
C SER C 205 -41.17 21.29 -40.47
N PRO C 206 -41.77 21.51 -41.65
CA PRO C 206 -41.88 20.44 -42.64
C PRO C 206 -40.58 19.64 -42.86
N VAL C 207 -40.61 18.33 -42.65
CA VAL C 207 -39.43 17.51 -42.84
C VAL C 207 -38.86 17.85 -44.21
N GLU C 208 -37.52 17.75 -44.36
CA GLU C 208 -36.74 18.07 -45.57
C GLU C 208 -35.57 17.12 -45.70
N CYS C 209 -35.29 16.52 -46.84
CA CYS C 209 -34.15 15.62 -46.88
C CYS C 209 -32.98 16.02 -47.80
N MET C 210 -31.80 15.42 -47.58
CA MET C 210 -30.58 15.70 -48.35
C MET C 210 -30.45 14.64 -49.42
N GLY C 211 -29.24 14.12 -49.61
CA GLY C 211 -29.04 13.14 -50.66
C GLY C 211 -28.82 11.71 -50.24
N ASP D 1 20.53 -32.91 5.78
CA ASP D 1 19.24 -33.24 5.12
C ASP D 1 18.98 -32.55 3.74
N ILE D 2 19.06 -31.23 3.67
CA ILE D 2 18.83 -30.50 2.41
C ILE D 2 20.20 -30.26 1.77
N LYS D 3 20.59 -31.14 0.84
CA LYS D 3 21.91 -31.07 0.21
C LYS D 3 22.14 -29.99 -0.86
N MET D 4 23.34 -29.40 -0.84
CA MET D 4 23.75 -28.35 -1.75
C MET D 4 24.82 -28.97 -2.56
N THR D 5 24.80 -28.77 -3.88
CA THR D 5 25.84 -29.29 -4.73
C THR D 5 26.36 -28.11 -5.54
N GLN D 6 27.58 -27.72 -5.17
CA GLN D 6 28.33 -26.61 -5.77
C GLN D 6 29.32 -27.11 -6.87
N SER D 7 29.39 -26.41 -8.00
CA SER D 7 30.26 -26.79 -9.11
C SER D 7 30.85 -25.52 -9.68
N PRO D 8 32.11 -25.56 -10.14
CA PRO D 8 33.07 -26.67 -10.21
C PRO D 8 33.99 -26.77 -8.97
N SER D 9 34.71 -27.88 -8.81
CA SER D 9 35.65 -28.05 -7.71
C SER D 9 36.74 -26.96 -7.75
N SER D 10 37.52 -26.91 -8.82
CA SER D 10 38.54 -25.87 -8.97
C SER D 10 38.36 -25.24 -10.35
N MET D 11 38.83 -24.03 -10.51
CA MET D 11 38.67 -23.40 -11.79
C MET D 11 39.62 -22.23 -12.05
N TYR D 12 40.48 -22.43 -13.05
CA TYR D 12 41.47 -21.47 -13.48
C TYR D 12 40.95 -20.57 -14.62
N ALA D 13 41.12 -19.28 -14.42
CA ALA D 13 40.70 -18.29 -15.36
C ALA D 13 41.79 -17.25 -15.31
N SER D 14 41.56 -16.12 -15.94
CA SER D 14 42.59 -15.12 -15.97
C SER D 14 41.95 -13.81 -15.69
N LEU D 15 42.84 -12.85 -15.50
CA LEU D 15 42.48 -11.48 -15.21
C LEU D 15 41.41 -10.99 -16.13
N GLY D 16 40.63 -10.03 -15.69
CA GLY D 16 39.58 -9.49 -16.53
C GLY D 16 38.50 -10.48 -16.88
N GLU D 17 38.84 -11.75 -16.98
CA GLU D 17 37.91 -12.79 -17.33
C GLU D 17 36.63 -12.83 -16.43
N ARG D 18 35.61 -13.57 -16.84
CA ARG D 18 34.41 -13.65 -16.02
C ARG D 18 34.25 -15.10 -15.62
N VAL D 19 33.66 -15.30 -14.46
CA VAL D 19 33.46 -16.65 -13.94
C VAL D 19 32.11 -16.79 -13.32
N THR D 20 31.68 -18.05 -13.22
CA THR D 20 30.42 -18.38 -12.60
C THR D 20 30.52 -19.68 -11.79
N ILE D 21 30.33 -19.53 -10.48
CA ILE D 21 30.34 -20.65 -9.54
C ILE D 21 28.87 -20.99 -9.32
N THR D 22 28.59 -22.26 -9.10
CA THR D 22 27.21 -22.65 -9.00
C THR D 22 26.86 -23.61 -7.90
N CYS D 23 25.66 -23.45 -7.36
CA CYS D 23 25.19 -24.28 -6.29
C CYS D 23 23.72 -24.56 -6.57
N LYS D 24 23.38 -25.85 -6.54
CA LYS D 24 22.02 -26.33 -6.71
C LYS D 24 21.70 -26.99 -5.40
N ALA D 25 20.55 -26.65 -4.83
CA ALA D 25 20.00 -27.17 -3.57
C ALA D 25 18.99 -28.29 -3.88
N SER D 26 18.97 -29.35 -3.09
CA SER D 26 18.04 -30.44 -3.37
C SER D 26 16.59 -30.14 -3.22
N GLN D 27 16.29 -28.88 -2.96
CA GLN D 27 14.94 -28.35 -2.81
C GLN D 27 14.96 -26.83 -2.68
N ASP D 28 13.82 -26.23 -2.96
CA ASP D 28 13.66 -24.78 -2.90
C ASP D 28 14.14 -24.29 -1.55
N ILE D 29 15.21 -23.50 -1.55
CA ILE D 29 15.72 -22.96 -0.30
C ILE D 29 15.27 -21.51 -0.02
N ARG D 30 14.40 -20.99 -0.86
CA ARG D 30 13.88 -19.64 -0.74
C ARG D 30 14.89 -18.52 -0.61
N LYS D 31 15.87 -18.54 -1.47
CA LYS D 31 16.91 -17.53 -1.56
C LYS D 31 17.78 -17.33 -0.36
N TYR D 32 17.76 -18.33 0.51
CA TYR D 32 18.58 -18.30 1.69
C TYR D 32 19.97 -18.85 1.37
N LEU D 33 20.55 -18.24 0.35
CA LEU D 33 21.88 -18.60 -0.06
C LEU D 33 22.82 -17.43 0.16
N ASN D 34 24.04 -17.74 0.58
CA ASN D 34 25.06 -16.74 0.83
C ASN D 34 26.31 -17.33 0.27
N TRP D 35 27.12 -16.52 -0.39
CA TRP D 35 28.36 -16.98 -0.96
C TRP D 35 29.44 -16.49 0.00
N TYR D 36 30.54 -17.22 0.16
CA TYR D 36 31.59 -16.83 1.06
C TYR D 36 32.92 -16.98 0.46
N GLN D 37 33.81 -16.02 0.67
CA GLN D 37 35.16 -16.14 0.14
C GLN D 37 36.08 -16.46 1.26
N GLN D 38 37.05 -17.34 1.06
CA GLN D 38 37.95 -17.65 2.12
C GLN D 38 39.36 -17.56 1.59
N LYS D 39 40.05 -16.45 1.81
CA LYS D 39 41.45 -16.34 1.36
C LYS D 39 42.21 -17.23 2.36
N PRO D 40 43.29 -17.92 1.95
CA PRO D 40 44.10 -18.82 2.81
C PRO D 40 44.40 -18.26 4.18
N TRP D 41 44.25 -19.11 5.20
CA TRP D 41 44.49 -18.71 6.58
C TRP D 41 43.75 -17.39 6.85
N LYS D 42 42.42 -17.44 6.74
CA LYS D 42 41.52 -16.28 6.93
C LYS D 42 40.11 -16.71 7.26
N SER D 43 39.47 -15.94 8.12
CA SER D 43 38.10 -16.23 8.51
C SER D 43 37.39 -15.95 7.24
N PRO D 44 36.25 -16.61 7.01
CA PRO D 44 35.50 -16.36 5.77
C PRO D 44 34.94 -14.97 5.77
N LYS D 45 34.74 -14.42 4.57
CA LYS D 45 34.18 -13.08 4.39
C LYS D 45 32.95 -13.25 3.54
N THR D 46 31.86 -12.73 4.05
CA THR D 46 30.56 -12.84 3.40
C THR D 46 30.41 -11.97 2.13
N LEU D 47 30.50 -12.58 0.94
CA LEU D 47 30.32 -11.81 -0.30
C LEU D 47 28.84 -11.51 -0.59
N ILE D 48 28.01 -12.50 -0.92
CA ILE D 48 26.62 -12.19 -1.23
C ILE D 48 25.66 -12.90 -0.30
N TYR D 49 24.62 -12.19 0.15
CA TYR D 49 23.66 -12.80 1.07
C TYR D 49 22.25 -12.70 0.53
N TYR D 50 21.39 -13.64 0.89
CA TYR D 50 19.99 -13.65 0.41
C TYR D 50 19.95 -13.69 -1.09
N ALA D 51 20.69 -14.65 -1.62
CA ALA D 51 20.81 -14.89 -3.04
C ALA D 51 21.50 -13.75 -3.81
N THR D 52 20.98 -12.52 -3.75
CA THR D 52 21.52 -11.42 -4.55
C THR D 52 22.03 -10.14 -3.96
N SER D 53 22.11 -10.03 -2.63
CA SER D 53 22.59 -8.80 -2.03
C SER D 53 24.07 -8.78 -1.87
N LEU D 54 24.65 -7.66 -2.28
CA LEU D 54 26.08 -7.46 -2.13
C LEU D 54 26.10 -7.04 -0.65
N ALA D 55 27.17 -7.37 0.08
CA ALA D 55 27.25 -7.06 1.53
C ALA D 55 28.33 -6.07 1.92
N ASP D 56 28.68 -6.17 3.20
CA ASP D 56 29.72 -5.44 3.94
C ASP D 56 30.88 -4.92 3.09
N GLY D 57 30.62 -4.02 2.15
CA GLY D 57 31.70 -3.53 1.32
C GLY D 57 32.35 -4.55 0.42
N VAL D 58 31.51 -5.23 -0.33
CA VAL D 58 31.98 -6.21 -1.28
C VAL D 58 32.02 -5.46 -2.62
N PRO D 59 33.02 -5.75 -3.43
CA PRO D 59 33.15 -5.08 -4.73
C PRO D 59 31.92 -5.33 -5.59
N SER D 60 31.62 -4.36 -6.44
CA SER D 60 30.48 -4.41 -7.37
C SER D 60 30.58 -5.57 -8.37
N ARG D 61 31.82 -5.96 -8.68
CA ARG D 61 32.06 -7.00 -9.62
C ARG D 61 31.60 -8.37 -9.19
N PHE D 62 31.02 -8.48 -8.01
CA PHE D 62 30.52 -9.77 -7.52
C PHE D 62 29.01 -9.71 -7.61
N SER D 63 28.39 -10.83 -7.97
CA SER D 63 26.94 -10.78 -8.08
C SER D 63 26.53 -12.19 -8.08
N GLY D 64 25.27 -12.40 -7.74
CA GLY D 64 24.77 -13.74 -7.70
C GLY D 64 23.31 -13.70 -8.03
N SER D 65 22.84 -14.75 -8.69
CA SER D 65 21.45 -14.82 -9.06
C SER D 65 20.94 -16.15 -8.56
N GLY D 66 19.64 -16.22 -8.33
CA GLY D 66 19.09 -17.47 -7.89
C GLY D 66 17.65 -17.40 -7.48
N SER D 67 17.01 -18.55 -7.54
CA SER D 67 15.62 -18.72 -7.19
C SER D 67 15.34 -20.22 -7.10
N GLY D 68 15.04 -20.65 -5.88
CA GLY D 68 14.70 -22.04 -5.67
C GLY D 68 15.84 -22.95 -5.36
N GLN D 69 16.30 -23.69 -6.37
CA GLN D 69 17.36 -24.66 -6.21
C GLN D 69 18.63 -24.30 -6.95
N ASP D 70 18.51 -23.31 -7.82
CA ASP D 70 19.64 -22.92 -8.61
C ASP D 70 20.19 -21.57 -8.21
N TYR D 71 21.47 -21.53 -7.84
CA TYR D 71 22.12 -20.30 -7.43
C TYR D 71 23.49 -20.24 -8.07
N SER D 72 23.97 -19.04 -8.39
CA SER D 72 25.29 -18.89 -8.99
C SER D 72 25.95 -17.52 -8.70
N LEU D 73 27.24 -17.58 -8.43
CA LEU D 73 28.04 -16.40 -8.11
C LEU D 73 28.91 -16.16 -9.34
N THR D 74 28.99 -14.90 -9.76
CA THR D 74 29.75 -14.54 -10.94
C THR D 74 30.62 -13.34 -10.64
N ILE D 75 31.93 -13.56 -10.77
CA ILE D 75 32.91 -12.50 -10.60
C ILE D 75 32.97 -11.98 -12.05
N SER D 76 32.81 -10.68 -12.29
CA SER D 76 32.84 -10.12 -13.64
C SER D 76 34.23 -9.92 -14.21
N SER D 77 35.01 -9.04 -13.59
CA SER D 77 36.37 -8.81 -14.02
C SER D 77 37.30 -9.44 -13.00
N LEU D 78 37.72 -10.66 -13.27
CA LEU D 78 38.57 -11.38 -12.36
C LEU D 78 39.81 -10.56 -12.08
N GLU D 79 40.13 -10.46 -10.79
CA GLU D 79 41.30 -9.68 -10.34
C GLU D 79 42.25 -10.52 -9.52
N SER D 80 43.41 -9.96 -9.21
CA SER D 80 44.39 -10.67 -8.43
C SER D 80 43.91 -11.19 -7.06
N ASP D 81 43.35 -10.33 -6.20
CA ASP D 81 42.85 -10.79 -4.90
C ASP D 81 41.50 -11.47 -5.00
N ASP D 82 41.41 -12.40 -5.94
CA ASP D 82 40.19 -13.17 -6.08
C ASP D 82 40.60 -14.60 -5.84
N THR D 83 41.91 -14.87 -5.96
CA THR D 83 42.45 -16.21 -5.73
C THR D 83 42.10 -16.51 -4.29
N ALA D 84 41.09 -17.38 -4.13
CA ALA D 84 40.55 -17.79 -2.84
C ALA D 84 39.66 -18.98 -3.05
N THR D 85 38.87 -19.34 -2.05
CA THR D 85 37.98 -20.47 -2.14
C THR D 85 36.65 -19.88 -1.81
N TYR D 86 35.62 -20.23 -2.57
CA TYR D 86 34.26 -19.70 -2.35
C TYR D 86 33.31 -20.82 -1.88
N TYR D 87 32.42 -20.53 -0.93
CA TYR D 87 31.43 -21.53 -0.57
C TYR D 87 30.09 -20.86 -0.58
N CYS D 88 29.05 -21.62 -0.87
CA CYS D 88 27.70 -21.11 -0.82
C CYS D 88 27.21 -21.81 0.45
N LEU D 89 26.37 -21.14 1.23
CA LEU D 89 25.85 -21.68 2.46
C LEU D 89 24.34 -21.52 2.52
N GLN D 90 23.59 -22.60 2.58
CA GLN D 90 22.17 -22.47 2.68
C GLN D 90 21.91 -22.38 4.16
N HIS D 91 20.97 -21.53 4.56
CA HIS D 91 20.63 -21.37 5.99
C HIS D 91 19.16 -21.01 6.14
N GLY D 92 18.27 -21.73 5.46
CA GLY D 92 16.85 -21.40 5.54
C GLY D 92 16.06 -22.28 6.47
N GLU D 93 16.70 -23.34 6.96
CA GLU D 93 16.10 -24.35 7.85
C GLU D 93 17.23 -25.31 8.23
N SER D 94 17.24 -25.82 9.46
CA SER D 94 18.32 -26.71 9.95
C SER D 94 18.47 -28.03 9.17
N PRO D 95 19.71 -28.50 8.93
CA PRO D 95 20.98 -27.86 9.32
C PRO D 95 21.43 -26.91 8.23
N TYR D 96 22.37 -26.03 8.54
CA TYR D 96 22.86 -25.09 7.56
C TYR D 96 23.93 -25.87 6.90
N THR D 97 23.85 -25.94 5.57
CA THR D 97 24.83 -26.68 4.78
C THR D 97 25.66 -25.78 3.89
N PHE D 98 26.97 -25.88 4.02
CA PHE D 98 27.88 -25.13 3.22
C PHE D 98 28.00 -26.08 2.08
N GLY D 99 28.16 -25.56 0.86
CA GLY D 99 28.37 -26.43 -0.27
C GLY D 99 29.83 -26.83 -0.12
N GLY D 100 30.33 -27.59 -1.06
CA GLY D 100 31.71 -28.04 -0.96
C GLY D 100 32.76 -27.07 -1.37
N GLY D 101 32.39 -25.90 -1.87
CA GLY D 101 33.38 -24.90 -2.25
C GLY D 101 34.16 -25.13 -3.55
N THR D 102 34.60 -24.03 -4.17
CA THR D 102 35.32 -24.08 -5.42
C THR D 102 36.56 -23.21 -5.36
N LYS D 103 37.74 -23.75 -5.69
CA LYS D 103 38.98 -22.98 -5.62
C LYS D 103 39.32 -22.30 -6.89
N LEU D 104 39.38 -20.98 -6.88
CA LEU D 104 39.71 -20.19 -8.08
C LEU D 104 41.22 -19.86 -8.14
N GLU D 105 41.88 -20.27 -9.21
CA GLU D 105 43.29 -19.98 -9.40
C GLU D 105 43.36 -19.09 -10.64
N ILE D 106 44.11 -18.00 -10.52
CA ILE D 106 44.34 -17.00 -11.55
C ILE D 106 45.46 -17.38 -12.56
N ASN D 107 45.12 -17.33 -13.83
CA ASN D 107 46.07 -17.68 -14.88
C ASN D 107 46.81 -16.43 -15.28
N ARG D 108 48.12 -16.50 -15.33
CA ARG D 108 48.86 -15.31 -15.66
C ARG D 108 50.27 -15.48 -16.25
N ALA D 109 50.79 -14.36 -16.79
CA ALA D 109 52.07 -14.30 -17.46
C ALA D 109 53.18 -15.04 -16.73
N ASP D 110 53.71 -16.10 -17.35
CA ASP D 110 54.81 -16.89 -16.75
C ASP D 110 55.88 -16.00 -16.09
N ALA D 111 56.69 -16.60 -15.21
CA ALA D 111 57.69 -15.81 -14.51
C ALA D 111 58.78 -16.64 -13.91
N ALA D 112 59.98 -16.07 -13.89
CA ALA D 112 61.13 -16.75 -13.34
C ALA D 112 61.31 -16.52 -11.83
N PRO D 113 61.64 -17.59 -11.11
CA PRO D 113 61.85 -17.57 -9.65
C PRO D 113 63.14 -16.85 -9.23
N THR D 114 63.06 -15.79 -8.45
CA THR D 114 64.29 -15.15 -8.00
C THR D 114 64.83 -16.05 -6.85
N VAL D 115 65.96 -16.74 -7.05
CA VAL D 115 66.50 -17.66 -6.01
C VAL D 115 67.47 -17.08 -4.97
N SER D 116 67.44 -17.68 -3.78
CA SER D 116 68.26 -17.25 -2.66
C SER D 116 68.67 -18.51 -1.89
N ILE D 117 69.92 -18.55 -1.44
CA ILE D 117 70.40 -19.70 -0.70
C ILE D 117 70.93 -19.22 0.66
N PHE D 118 70.64 -19.99 1.71
CA PHE D 118 71.08 -19.64 3.08
C PHE D 118 71.79 -20.76 3.86
N PRO D 119 73.05 -20.52 4.16
CA PRO D 119 73.85 -21.50 4.90
C PRO D 119 73.44 -21.55 6.39
N PRO D 120 73.60 -22.71 7.04
CA PRO D 120 73.24 -22.91 8.45
C PRO D 120 73.74 -21.81 9.34
N SER D 121 72.81 -21.23 10.10
CA SER D 121 73.15 -20.17 11.05
C SER D 121 74.09 -20.76 12.10
N SER D 122 75.17 -20.04 12.37
CA SER D 122 76.17 -20.43 13.36
C SER D 122 75.44 -20.73 14.66
N GLU D 123 74.26 -20.14 14.76
CA GLU D 123 73.39 -20.32 15.89
C GLU D 123 72.78 -21.72 15.93
N GLN D 124 72.31 -22.18 14.77
CA GLN D 124 71.72 -23.51 14.71
C GLN D 124 72.84 -24.54 14.88
N LEU D 125 74.01 -24.19 14.37
CA LEU D 125 75.17 -25.07 14.43
C LEU D 125 75.52 -25.50 15.83
N THR D 126 75.35 -24.59 16.79
CA THR D 126 75.61 -24.87 18.20
C THR D 126 74.83 -26.13 18.58
N SER D 127 73.63 -26.27 18.03
CA SER D 127 72.80 -27.43 18.35
C SER D 127 73.45 -28.70 17.86
N GLY D 128 74.11 -28.63 16.70
CA GLY D 128 74.79 -29.79 16.15
C GLY D 128 74.19 -30.25 14.85
N GLY D 129 73.13 -29.54 14.40
CA GLY D 129 72.46 -29.85 13.14
C GLY D 129 72.66 -28.68 12.17
N ALA D 130 72.12 -28.77 10.96
CA ALA D 130 72.25 -27.68 9.97
C ALA D 130 71.07 -27.67 8.99
N SER D 131 70.65 -26.48 8.59
CA SER D 131 69.56 -26.37 7.66
C SER D 131 69.85 -25.32 6.59
N VAL D 132 69.98 -25.75 5.34
CA VAL D 132 70.22 -24.82 4.26
C VAL D 132 68.87 -24.65 3.62
N VAL D 133 68.50 -23.38 3.49
CA VAL D 133 67.24 -22.98 2.92
C VAL D 133 67.49 -22.32 1.59
N CYS D 134 66.66 -22.72 0.63
CA CYS D 134 66.71 -22.19 -0.74
C CYS D 134 65.28 -21.64 -0.88
N PHE D 135 65.21 -20.36 -1.24
CA PHE D 135 63.93 -19.71 -1.44
C PHE D 135 63.73 -19.57 -2.96
N LEU D 136 62.54 -19.91 -3.44
CA LEU D 136 62.26 -19.84 -4.86
C LEU D 136 61.03 -18.96 -4.90
N ASN D 137 61.23 -17.66 -4.80
CA ASN D 137 60.09 -16.76 -4.76
C ASN D 137 59.56 -16.20 -6.07
N ASN D 138 58.32 -15.77 -6.02
CA ASN D 138 57.65 -15.19 -7.15
C ASN D 138 57.87 -15.91 -8.49
N PHE D 139 57.33 -17.12 -8.66
CA PHE D 139 57.46 -17.87 -9.92
C PHE D 139 56.10 -18.32 -10.43
N TYR D 140 55.95 -18.47 -11.74
CA TYR D 140 54.69 -18.94 -12.34
C TYR D 140 55.06 -19.61 -13.63
N PRO D 141 54.58 -20.86 -13.84
CA PRO D 141 53.70 -21.78 -13.11
C PRO D 141 54.16 -22.32 -11.76
N LYS D 142 53.18 -22.63 -10.90
CA LYS D 142 53.44 -23.15 -9.56
C LYS D 142 54.23 -24.40 -9.70
N ASP D 143 54.22 -24.91 -10.91
CA ASP D 143 54.94 -26.11 -11.24
C ASP D 143 56.46 -25.84 -11.16
N ILE D 144 57.19 -26.71 -10.44
CA ILE D 144 58.65 -26.57 -10.31
C ILE D 144 59.33 -27.78 -9.69
N ASN D 145 60.53 -28.06 -10.15
CA ASN D 145 61.31 -29.15 -9.62
C ASN D 145 62.58 -28.54 -9.03
N VAL D 146 62.85 -28.89 -7.78
CA VAL D 146 64.01 -28.39 -7.05
C VAL D 146 64.96 -29.53 -6.64
N LYS D 147 66.24 -29.36 -6.95
CA LYS D 147 67.26 -30.36 -6.66
C LYS D 147 68.37 -29.83 -5.74
N TRP D 148 68.71 -30.62 -4.72
CA TRP D 148 69.80 -30.27 -3.77
C TRP D 148 71.04 -31.14 -4.08
N LYS D 149 72.17 -30.49 -4.40
CA LYS D 149 73.44 -31.21 -4.68
C LYS D 149 74.63 -30.87 -3.72
N ILE D 150 75.02 -31.88 -2.95
CA ILE D 150 76.11 -31.80 -1.97
C ILE D 150 77.45 -32.37 -2.53
N ASP D 151 78.27 -31.49 -3.08
CA ASP D 151 79.54 -31.90 -3.69
C ASP D 151 79.11 -32.66 -4.96
N GLY D 152 78.98 -31.86 -6.04
CA GLY D 152 78.59 -32.32 -7.37
C GLY D 152 77.37 -33.23 -7.38
N SER D 153 77.06 -33.75 -8.56
CA SER D 153 75.95 -34.67 -8.85
C SER D 153 75.38 -35.36 -7.61
N GLU D 154 76.29 -35.69 -6.70
CA GLU D 154 75.89 -36.27 -5.45
C GLU D 154 74.88 -35.28 -4.86
N ARG D 155 73.64 -35.44 -5.29
CA ARG D 155 72.57 -34.60 -4.85
C ARG D 155 72.02 -35.29 -3.60
N GLN D 156 70.82 -34.92 -3.13
CA GLN D 156 70.30 -35.58 -1.93
C GLN D 156 68.81 -35.62 -1.70
N ASN D 157 68.49 -36.14 -0.53
CA ASN D 157 67.15 -36.30 -0.02
C ASN D 157 67.33 -35.96 1.49
N GLY D 158 66.22 -35.78 2.21
CA GLY D 158 66.30 -35.34 3.60
C GLY D 158 66.10 -33.84 3.40
N VAL D 159 65.31 -33.50 2.40
CA VAL D 159 65.04 -32.13 2.07
C VAL D 159 63.52 -31.95 2.15
N LEU D 160 63.07 -30.79 2.61
CA LEU D 160 61.63 -30.50 2.76
C LEU D 160 61.23 -29.40 1.79
N ASN D 161 60.02 -29.51 1.26
CA ASN D 161 59.56 -28.50 0.31
C ASN D 161 58.18 -28.04 0.74
N SER D 162 57.85 -26.78 0.42
CA SER D 162 56.54 -26.22 0.77
C SER D 162 56.30 -25.02 -0.09
N TRP D 163 55.08 -24.93 -0.61
CA TRP D 163 54.69 -23.83 -1.51
C TRP D 163 53.76 -22.86 -0.83
N THR D 164 53.70 -21.67 -1.40
CA THR D 164 52.78 -20.68 -0.94
C THR D 164 51.53 -20.84 -1.81
N ASP D 165 50.68 -19.85 -1.77
CA ASP D 165 49.47 -19.90 -2.54
C ASP D 165 49.53 -18.72 -3.43
N GLN D 166 48.87 -18.84 -4.57
CA GLN D 166 48.85 -17.76 -5.52
C GLN D 166 48.82 -16.40 -4.81
N ASP D 167 49.79 -15.53 -5.03
CA ASP D 167 49.78 -14.25 -4.37
C ASP D 167 48.59 -13.40 -4.71
N SER D 168 48.03 -12.74 -3.71
CA SER D 168 46.86 -11.91 -3.90
C SER D 168 47.18 -10.59 -4.58
N LYS D 169 48.42 -10.38 -5.00
CA LYS D 169 48.75 -9.12 -5.66
C LYS D 169 49.51 -9.15 -7.04
N ASP D 170 50.17 -10.29 -7.32
CA ASP D 170 50.91 -10.51 -8.57
C ASP D 170 50.61 -11.94 -9.11
N SER D 171 49.74 -12.65 -8.40
CA SER D 171 49.31 -13.98 -8.86
C SER D 171 50.36 -15.04 -9.07
N THR D 172 51.55 -14.83 -8.49
CA THR D 172 52.69 -15.79 -8.60
C THR D 172 52.82 -16.73 -7.43
N TYR D 173 53.89 -17.51 -7.40
CA TYR D 173 54.12 -18.45 -6.30
C TYR D 173 55.56 -18.42 -5.75
N SER D 174 55.72 -18.58 -4.44
CA SER D 174 57.08 -18.67 -3.88
C SER D 174 57.23 -20.13 -3.46
N MET D 175 58.45 -20.54 -3.14
CA MET D 175 58.67 -21.90 -2.67
C MET D 175 59.72 -21.84 -1.57
N SER D 176 60.05 -22.98 -0.98
CA SER D 176 61.03 -23.05 0.09
C SER D 176 61.49 -24.49 0.07
N SER D 177 62.80 -24.66 -0.05
CA SER D 177 63.37 -25.99 -0.04
C SER D 177 64.36 -25.96 1.09
N THR D 178 64.27 -26.93 1.99
CA THR D 178 65.18 -26.98 3.16
C THR D 178 65.85 -28.34 3.38
N LEU D 179 67.16 -28.38 3.13
CA LEU D 179 67.96 -29.58 3.29
C LEU D 179 68.47 -29.52 4.72
N THR D 180 68.22 -30.57 5.51
CA THR D 180 68.67 -30.53 6.90
C THR D 180 69.73 -31.54 7.34
N LEU D 181 70.97 -31.24 6.95
CA LEU D 181 72.13 -32.04 7.28
C LEU D 181 72.50 -31.71 8.71
N THR D 182 73.09 -32.63 9.47
CA THR D 182 73.54 -32.23 10.81
C THR D 182 74.91 -31.52 10.60
N LYS D 183 75.48 -30.97 11.67
CA LYS D 183 76.75 -30.26 11.57
C LYS D 183 77.77 -31.18 10.88
N ASP D 184 77.64 -32.48 11.20
CA ASP D 184 78.45 -33.62 10.69
C ASP D 184 78.65 -33.61 9.20
N GLU D 185 77.60 -34.05 8.51
CA GLU D 185 77.64 -34.10 7.06
C GLU D 185 77.84 -32.66 6.53
N TYR D 186 77.38 -31.67 7.30
CA TYR D 186 77.52 -30.28 6.88
C TYR D 186 79.00 -29.91 6.73
N GLU D 187 79.78 -30.30 7.72
CA GLU D 187 81.20 -30.02 7.73
C GLU D 187 81.98 -31.08 6.94
N ARG D 188 81.31 -32.19 6.64
CA ARG D 188 81.95 -33.23 5.84
C ARG D 188 82.20 -32.62 4.43
N HIS D 189 81.30 -31.76 3.97
CA HIS D 189 81.40 -31.17 2.64
C HIS D 189 81.53 -29.66 2.60
N ASN D 190 81.64 -29.13 1.38
CA ASN D 190 81.81 -27.69 1.20
C ASN D 190 80.86 -27.03 0.17
N SER D 191 80.58 -27.71 -0.93
CA SER D 191 79.66 -27.17 -1.95
C SER D 191 78.17 -27.51 -1.69
N TYR D 192 77.40 -26.44 -1.60
CA TYR D 192 76.01 -26.57 -1.35
C TYR D 192 75.22 -25.71 -2.32
N THR D 193 74.38 -26.34 -3.14
CA THR D 193 73.57 -25.61 -4.11
C THR D 193 72.28 -26.33 -4.57
N CYS D 194 71.27 -25.52 -4.93
CA CYS D 194 70.01 -26.06 -5.43
C CYS D 194 69.82 -25.78 -6.93
N GLU D 195 69.10 -26.70 -7.57
CA GLU D 195 68.79 -26.71 -9.00
C GLU D 195 67.31 -26.44 -9.31
N ALA D 196 67.04 -25.28 -9.89
CA ALA D 196 65.68 -24.91 -10.20
C ALA D 196 65.33 -25.16 -11.64
N THR D 197 64.51 -26.19 -11.89
CA THR D 197 64.06 -26.52 -13.24
C THR D 197 62.64 -25.97 -13.38
N HIS D 198 62.51 -24.96 -14.22
CA HIS D 198 61.23 -24.30 -14.45
C HIS D 198 61.41 -23.85 -15.92
N LYS D 199 60.37 -24.02 -16.74
CA LYS D 199 60.53 -23.64 -18.15
C LYS D 199 60.50 -22.16 -18.47
N THR D 200 60.80 -21.32 -17.49
CA THR D 200 60.86 -19.89 -17.76
C THR D 200 62.20 -19.74 -18.45
N SER D 201 63.07 -20.71 -18.14
CA SER D 201 64.40 -20.78 -18.69
C SER D 201 64.58 -22.24 -19.06
N THR D 202 65.50 -22.44 -19.97
CA THR D 202 65.83 -23.73 -20.51
C THR D 202 66.94 -24.42 -19.69
N SER D 203 67.67 -23.61 -18.95
CA SER D 203 68.79 -24.09 -18.17
C SER D 203 68.54 -23.88 -16.68
N PRO D 204 68.94 -24.87 -15.86
CA PRO D 204 68.81 -24.90 -14.39
C PRO D 204 69.12 -23.58 -13.70
N ILE D 205 68.34 -23.26 -12.67
CA ILE D 205 68.59 -22.05 -11.89
C ILE D 205 69.38 -22.57 -10.69
N VAL D 206 70.66 -22.25 -10.66
CA VAL D 206 71.56 -22.73 -9.62
C VAL D 206 72.03 -21.59 -8.69
N LYS D 207 71.98 -21.83 -7.37
CA LYS D 207 72.43 -20.85 -6.36
C LYS D 207 73.23 -21.62 -5.33
N SER D 208 74.51 -21.29 -5.24
CA SER D 208 75.39 -22.02 -4.33
C SER D 208 76.27 -21.22 -3.38
N PHE D 209 76.75 -21.92 -2.35
CA PHE D 209 77.63 -21.37 -1.34
C PHE D 209 78.54 -22.54 -0.91
N ASN D 210 79.69 -22.18 -0.34
CA ASN D 210 80.67 -23.14 0.17
C ASN D 210 80.86 -22.88 1.69
N ARG D 211 80.92 -23.94 2.49
CA ARG D 211 81.10 -23.77 3.94
C ARG D 211 82.58 -23.54 4.26
N ASN D 212 83.06 -22.34 3.94
CA ASN D 212 84.47 -22.03 4.13
C ASN D 212 84.70 -21.10 5.28
N GLU D 213 84.39 -21.59 6.48
CA GLU D 213 84.60 -20.84 7.74
C GLU D 213 86.10 -20.90 8.08
N CYS D 214 86.92 -20.25 7.25
CA CYS D 214 88.35 -20.27 7.43
C CYS D 214 88.94 -18.85 7.39
N GLU E 1 35.15 -2.47 17.21
CA GLU E 1 33.90 -2.11 17.94
C GLU E 1 33.22 -3.45 18.24
N ILE E 2 32.90 -4.22 17.21
CA ILE E 2 32.31 -5.54 17.39
C ILE E 2 33.49 -6.45 17.25
N GLN E 3 33.47 -7.58 17.95
CA GLN E 3 34.52 -8.60 17.88
C GLN E 3 34.38 -9.88 18.70
N LEU E 4 34.85 -10.99 18.12
CA LEU E 4 34.78 -12.29 18.72
C LEU E 4 36.18 -12.84 19.01
N GLN E 5 36.46 -13.20 20.29
CA GLN E 5 37.77 -13.74 20.69
C GLN E 5 37.81 -15.28 20.74
N GLN E 6 38.99 -15.83 20.40
CA GLN E 6 39.25 -17.28 20.34
C GLN E 6 40.62 -17.75 20.87
N SER E 7 40.60 -18.92 21.50
CA SER E 7 41.76 -19.54 22.12
C SER E 7 42.97 -19.62 21.23
N GLY E 8 42.78 -19.57 19.92
CA GLY E 8 43.93 -19.58 19.01
C GLY E 8 44.64 -20.90 18.94
N ALA E 9 45.09 -21.47 20.05
CA ALA E 9 45.78 -22.77 20.06
C ALA E 9 44.97 -23.68 20.92
N GLU E 10 45.36 -24.94 21.02
CA GLU E 10 44.58 -25.87 21.81
C GLU E 10 45.00 -27.33 21.71
N LEU E 11 46.15 -27.68 22.29
CA LEU E 11 46.62 -29.07 22.24
C LEU E 11 45.75 -29.87 23.24
N VAL E 12 45.31 -31.08 22.88
CA VAL E 12 44.50 -31.86 23.82
C VAL E 12 44.74 -33.34 23.64
N ARG E 13 44.63 -34.11 24.71
CA ARG E 13 44.88 -35.53 24.60
C ARG E 13 43.62 -36.29 24.20
N PRO E 14 43.77 -37.26 23.28
CA PRO E 14 42.65 -38.07 22.81
C PRO E 14 41.81 -38.64 23.92
N GLY E 15 40.53 -38.81 23.66
CA GLY E 15 39.60 -39.30 24.66
C GLY E 15 39.06 -38.14 25.50
N ALA E 16 39.93 -37.21 25.84
CA ALA E 16 39.52 -36.09 26.66
C ALA E 16 38.42 -35.27 26.01
N LEU E 17 37.89 -34.31 26.78
CA LEU E 17 36.86 -33.39 26.28
C LEU E 17 37.43 -31.99 26.41
N VAL E 18 36.83 -31.04 25.72
CA VAL E 18 37.32 -29.68 25.72
C VAL E 18 36.23 -28.67 25.40
N LYS E 19 36.36 -27.50 26.00
CA LYS E 19 35.40 -26.46 25.80
C LYS E 19 36.19 -25.28 25.33
N LEU E 20 35.95 -24.90 24.09
CA LEU E 20 36.62 -23.75 23.52
C LEU E 20 35.67 -22.57 23.85
N SER E 21 36.19 -21.34 23.76
CA SER E 21 35.37 -20.16 24.04
C SER E 21 35.40 -19.14 22.89
N CYS E 22 34.39 -18.27 22.88
CA CYS E 22 34.22 -17.22 21.86
C CYS E 22 33.72 -16.02 22.62
N LYS E 23 34.63 -15.09 22.95
CA LYS E 23 34.22 -13.92 23.69
C LYS E 23 33.67 -12.82 22.80
N ALA E 24 32.44 -12.39 23.09
CA ALA E 24 31.80 -11.34 22.30
C ALA E 24 32.20 -9.98 22.83
N SER E 25 32.38 -9.00 21.96
CA SER E 25 32.73 -7.65 22.39
C SER E 25 32.13 -6.64 21.46
N GLY E 26 31.21 -5.79 21.93
CA GLY E 26 30.66 -4.78 21.01
C GLY E 26 29.22 -4.97 20.60
N PHE E 27 28.61 -5.98 21.18
CA PHE E 27 27.24 -6.33 20.93
C PHE E 27 26.93 -7.32 22.04
N ASN E 28 25.65 -7.64 22.20
CA ASN E 28 25.20 -8.56 23.22
C ASN E 28 24.77 -9.86 22.55
N ILE E 29 25.44 -10.96 22.90
CA ILE E 29 25.06 -12.21 22.28
C ILE E 29 23.64 -12.70 22.49
N LYS E 30 22.83 -12.06 23.32
CA LYS E 30 21.47 -12.58 23.45
C LYS E 30 20.58 -12.00 22.35
N ASP E 31 21.10 -10.99 21.65
CA ASP E 31 20.35 -10.35 20.55
C ASP E 31 20.58 -11.10 19.24
N TYR E 32 21.59 -11.97 19.26
CA TYR E 32 22.00 -12.72 18.09
C TYR E 32 21.93 -14.21 18.27
N TYR E 33 22.28 -14.95 17.21
CA TYR E 33 22.31 -16.40 17.24
C TYR E 33 23.77 -16.73 17.10
N MET E 34 24.37 -17.36 18.10
CA MET E 34 25.78 -17.73 17.99
C MET E 34 25.92 -19.02 17.17
N HIS E 35 26.97 -19.12 16.34
CA HIS E 35 27.21 -20.29 15.51
C HIS E 35 28.65 -20.76 15.68
N TRP E 36 28.86 -22.06 15.54
CA TRP E 36 30.19 -22.69 15.60
C TRP E 36 30.34 -23.48 14.31
N VAL E 37 31.46 -23.27 13.63
CA VAL E 37 31.76 -23.93 12.38
C VAL E 37 33.13 -24.60 12.44
N LYS E 38 33.20 -25.87 12.06
CA LYS E 38 34.43 -26.65 12.03
C LYS E 38 35.02 -26.53 10.64
N GLN E 39 36.33 -26.76 10.51
CA GLN E 39 37.06 -26.79 9.23
C GLN E 39 38.39 -27.66 9.25
N ARG E 40 38.34 -28.93 8.80
CA ARG E 40 39.53 -29.78 8.82
C ARG E 40 40.51 -29.29 7.75
N PRO E 41 41.80 -29.63 7.87
CA PRO E 41 42.85 -29.23 6.92
C PRO E 41 42.52 -29.22 5.41
N GLU E 42 42.69 -30.37 4.76
CA GLU E 42 42.38 -30.43 3.34
C GLU E 42 40.87 -30.65 3.20
N GLN E 43 40.09 -29.65 3.63
CA GLN E 43 38.64 -29.71 3.53
C GLN E 43 38.00 -28.36 3.73
N GLY E 44 36.75 -28.24 3.32
CA GLY E 44 36.05 -27.00 3.47
C GLY E 44 35.27 -27.01 4.78
N LEU E 45 34.57 -25.90 5.02
CA LEU E 45 33.74 -25.63 6.18
C LEU E 45 32.60 -26.65 6.49
N GLU E 46 32.30 -26.86 7.76
CA GLU E 46 31.27 -27.79 8.18
C GLU E 46 30.66 -27.05 9.33
N TRP E 47 29.34 -26.98 9.35
CA TRP E 47 28.56 -26.31 10.38
C TRP E 47 28.35 -27.33 11.48
N ILE E 48 28.68 -26.95 12.72
CA ILE E 48 28.53 -27.77 13.92
C ILE E 48 27.11 -27.52 14.45
N GLY E 49 26.82 -26.27 14.81
CA GLY E 49 25.50 -25.97 15.33
C GLY E 49 25.38 -24.57 15.90
N LEU E 50 24.16 -24.18 16.25
CA LEU E 50 23.94 -22.85 16.78
C LEU E 50 23.29 -22.86 18.15
N ILE E 51 23.16 -21.65 18.69
CA ILE E 51 22.54 -21.38 19.99
C ILE E 51 21.91 -19.98 19.97
N ASP E 52 20.72 -19.88 20.50
CA ASP E 52 20.03 -18.62 20.55
C ASP E 52 20.17 -18.23 22.02
N PRO E 53 21.31 -17.58 22.38
CA PRO E 53 21.55 -17.17 23.75
C PRO E 53 20.32 -16.57 24.46
N GLU E 54 19.42 -15.96 23.68
CA GLU E 54 18.18 -15.34 24.20
C GLU E 54 17.37 -16.32 25.08
N ASN E 55 16.65 -17.21 24.42
CA ASN E 55 15.86 -18.20 25.12
C ASN E 55 16.58 -19.55 25.01
N GLY E 56 17.77 -19.58 25.63
CA GLY E 56 18.68 -20.73 25.67
C GLY E 56 18.60 -21.94 24.76
N ASN E 57 18.00 -21.77 23.59
CA ASN E 57 17.81 -22.83 22.61
C ASN E 57 19.05 -23.14 21.73
N THR E 58 19.20 -24.39 21.28
CA THR E 58 20.31 -24.75 20.38
C THR E 58 19.79 -25.63 19.24
N ILE E 59 20.60 -25.81 18.19
CA ILE E 59 20.22 -26.64 17.02
C ILE E 59 21.53 -27.17 16.47
N TYR E 60 21.61 -28.47 16.22
CA TYR E 60 22.88 -29.05 15.77
C TYR E 60 22.78 -29.86 14.48
N ASP E 61 23.87 -29.93 13.72
CA ASP E 61 23.85 -30.75 12.51
C ASP E 61 23.91 -32.15 13.12
N PRO E 62 23.04 -33.07 12.67
CA PRO E 62 22.94 -34.47 13.12
C PRO E 62 24.32 -35.08 13.30
N LYS E 63 25.21 -34.86 12.35
CA LYS E 63 26.58 -35.38 12.38
C LYS E 63 27.32 -35.08 13.71
N PHE E 64 26.92 -33.99 14.36
CA PHE E 64 27.55 -33.59 15.61
C PHE E 64 26.80 -33.83 16.92
N GLN E 65 25.58 -34.33 16.85
CA GLN E 65 24.82 -34.59 18.04
C GLN E 65 25.51 -35.61 18.94
N GLY E 66 25.64 -35.29 20.23
CA GLY E 66 26.30 -36.19 21.15
C GLY E 66 27.81 -36.02 21.20
N LYS E 67 28.39 -35.47 20.15
CA LYS E 67 29.82 -35.21 20.07
C LYS E 67 30.03 -33.82 20.64
N ALA E 68 29.10 -32.94 20.34
CA ALA E 68 29.20 -31.56 20.78
C ALA E 68 28.06 -31.05 21.65
N SER E 69 28.26 -29.86 22.20
CA SER E 69 27.27 -29.17 23.03
C SER E 69 27.70 -27.73 23.00
N ILE E 70 26.77 -26.85 22.65
CA ILE E 70 27.04 -25.42 22.55
C ILE E 70 26.40 -24.82 23.75
N THR E 71 27.10 -23.96 24.47
CA THR E 71 26.50 -23.32 25.64
C THR E 71 26.97 -21.86 25.73
N ALA E 72 26.12 -21.01 26.30
CA ALA E 72 26.47 -19.60 26.43
C ALA E 72 26.21 -19.06 27.86
N ASP E 73 27.06 -18.12 28.26
CA ASP E 73 26.98 -17.46 29.56
C ASP E 73 26.74 -16.04 29.14
N THR E 74 25.47 -15.67 29.18
CA THR E 74 25.09 -14.36 28.78
C THR E 74 25.64 -13.21 29.61
N SER E 75 26.28 -13.50 30.74
CA SER E 75 26.90 -12.44 31.55
C SER E 75 28.16 -11.96 30.84
N SER E 76 29.11 -12.89 30.69
CA SER E 76 30.40 -12.60 30.07
C SER E 76 30.34 -12.59 28.55
N ASN E 77 29.11 -12.59 28.03
CA ASN E 77 28.84 -12.57 26.58
C ASN E 77 29.67 -13.60 25.81
N THR E 78 29.78 -14.79 26.35
CA THR E 78 30.60 -15.81 25.76
C THR E 78 29.88 -17.08 25.35
N ALA E 79 30.06 -17.49 24.09
CA ALA E 79 29.44 -18.75 23.69
C ALA E 79 30.55 -19.82 23.81
N TYR E 80 30.13 -21.08 23.98
CA TYR E 80 31.04 -22.21 24.16
C TYR E 80 30.63 -23.40 23.34
N LEU E 81 31.63 -24.23 23.03
CA LEU E 81 31.41 -25.46 22.26
C LEU E 81 32.36 -26.42 22.90
N GLN E 82 31.76 -27.45 23.44
CA GLN E 82 32.54 -28.49 24.09
C GLN E 82 32.46 -29.82 23.31
N LEU E 83 33.60 -30.28 22.81
CA LEU E 83 33.60 -31.54 22.09
C LEU E 83 33.74 -32.64 23.14
N SER E 84 34.05 -33.86 22.72
CA SER E 84 34.16 -35.00 23.64
C SER E 84 34.42 -36.28 22.90
N SER E 85 35.08 -37.23 23.57
CA SER E 85 35.42 -38.51 22.95
C SER E 85 36.32 -38.16 21.77
N LEU E 86 37.23 -37.23 22.01
CA LEU E 86 38.15 -36.75 20.98
C LEU E 86 39.00 -37.71 20.12
N THR E 87 38.80 -37.65 18.82
CA THR E 87 39.64 -38.45 17.94
C THR E 87 40.46 -37.48 17.16
N SER E 88 41.48 -38.02 16.54
CA SER E 88 42.37 -37.27 15.68
C SER E 88 41.52 -36.53 14.67
N GLU E 89 40.38 -37.13 14.32
CA GLU E 89 39.42 -36.61 13.35
C GLU E 89 38.94 -35.22 13.73
N ASP E 90 39.15 -34.89 14.99
CA ASP E 90 38.74 -33.61 15.50
C ASP E 90 39.71 -32.48 15.30
N THR E 91 41.00 -32.79 15.21
CA THR E 91 41.99 -31.74 15.00
C THR E 91 41.46 -30.92 13.84
N ALA E 92 41.05 -29.69 14.12
CA ALA E 92 40.50 -28.79 13.14
C ALA E 92 40.64 -27.41 13.70
N VAL E 93 40.05 -26.45 12.99
CA VAL E 93 40.08 -25.06 13.36
C VAL E 93 38.64 -24.75 13.64
N TYR E 94 38.33 -24.06 14.74
CA TYR E 94 36.94 -23.75 15.01
C TYR E 94 36.68 -22.26 14.93
N TYR E 95 35.57 -21.89 14.31
CA TYR E 95 35.26 -20.49 14.15
C TYR E 95 33.89 -20.36 14.74
N CYS E 96 33.61 -19.20 15.31
CA CYS E 96 32.31 -18.92 15.90
C CYS E 96 31.90 -17.71 15.09
N ALA E 97 30.65 -17.67 14.70
CA ALA E 97 30.19 -16.57 13.86
C ALA E 97 29.04 -15.87 14.52
N ARG E 98 28.45 -14.93 13.80
CA ARG E 98 27.36 -14.14 14.34
C ARG E 98 26.28 -14.03 13.30
N ASP E 99 25.20 -14.74 13.55
CA ASP E 99 24.11 -14.76 12.61
C ASP E 99 23.27 -13.58 12.89
N ASN E 100 23.05 -12.72 11.90
CA ASN E 100 22.15 -11.57 12.13
C ASN E 100 20.79 -11.85 11.51
N SER E 101 20.60 -13.10 11.09
CA SER E 101 19.39 -13.59 10.44
C SER E 101 19.60 -13.74 8.94
N TYR E 102 20.07 -12.67 8.30
CA TYR E 102 20.36 -12.74 6.88
C TYR E 102 21.76 -13.33 6.58
N TYR E 103 22.69 -13.17 7.51
CA TYR E 103 24.03 -13.78 7.40
C TYR E 103 24.99 -13.80 8.64
N PHE E 104 26.06 -14.54 8.48
CA PHE E 104 27.07 -14.66 9.50
C PHE E 104 27.93 -13.42 9.31
N ASP E 105 27.48 -12.26 9.79
CA ASP E 105 28.25 -11.02 9.65
C ASP E 105 29.60 -10.93 10.37
N TYR E 106 29.92 -11.82 11.31
CA TYR E 106 31.20 -11.73 12.03
C TYR E 106 31.81 -13.05 12.44
N TRP E 107 33.11 -13.15 12.29
CA TRP E 107 33.80 -14.38 12.62
C TRP E 107 34.93 -14.24 13.64
N GLY E 108 35.02 -15.22 14.51
CA GLY E 108 36.11 -15.19 15.46
C GLY E 108 37.24 -15.77 14.65
N GLN E 109 38.46 -15.27 14.77
CA GLN E 109 39.57 -15.85 14.03
C GLN E 109 39.52 -17.32 14.41
N GLY E 110 40.30 -18.17 13.80
CA GLY E 110 40.09 -19.55 14.22
C GLY E 110 40.88 -20.13 15.37
N THR E 111 40.29 -21.08 16.10
CA THR E 111 41.05 -21.78 17.16
C THR E 111 41.54 -23.10 16.53
N THR E 112 42.85 -23.30 16.47
CA THR E 112 43.39 -24.51 15.87
C THR E 112 43.45 -25.69 16.87
N LEU E 113 42.33 -26.41 17.02
CA LEU E 113 42.28 -27.52 17.94
C LEU E 113 43.09 -28.72 17.46
N THR E 114 44.05 -29.15 18.28
CA THR E 114 44.91 -30.29 17.97
C THR E 114 44.76 -31.37 19.05
N VAL E 115 44.41 -32.58 18.61
CA VAL E 115 44.21 -33.75 19.47
C VAL E 115 45.45 -34.64 19.35
N SER E 116 46.33 -34.59 20.34
CA SER E 116 47.50 -35.42 20.28
C SER E 116 47.94 -35.90 21.67
N SER E 117 49.13 -36.48 21.72
CA SER E 117 49.70 -37.00 22.94
C SER E 117 51.01 -36.31 23.02
N ALA E 118 51.67 -36.26 21.87
CA ALA E 118 52.97 -35.63 21.75
C ALA E 118 52.90 -34.33 22.50
N LYS E 119 54.03 -33.94 23.05
CA LYS E 119 54.05 -32.74 23.88
C LYS E 119 54.38 -31.42 23.23
N THR E 120 53.81 -30.37 23.80
CA THR E 120 54.05 -29.02 23.32
C THR E 120 55.57 -28.83 23.27
N THR E 121 56.04 -28.01 22.36
CA THR E 121 57.47 -27.85 22.22
C THR E 121 57.70 -26.52 21.52
N PRO E 122 57.95 -25.44 22.29
CA PRO E 122 58.18 -24.10 21.71
C PRO E 122 59.17 -24.10 20.53
N PRO E 123 59.03 -23.14 19.62
CA PRO E 123 59.86 -23.00 18.41
C PRO E 123 61.30 -22.55 18.58
N SER E 124 62.14 -22.93 17.63
CA SER E 124 63.54 -22.51 17.63
C SER E 124 63.68 -21.58 16.43
N VAL E 125 63.67 -20.26 16.65
CA VAL E 125 63.78 -19.33 15.52
C VAL E 125 65.23 -19.09 15.14
N TYR E 126 65.56 -18.97 13.85
CA TYR E 126 66.95 -18.70 13.46
C TYR E 126 66.93 -17.71 12.29
N PRO E 127 67.76 -16.67 12.35
CA PRO E 127 67.79 -15.68 11.27
C PRO E 127 68.42 -16.20 9.99
N LEU E 128 68.02 -15.65 8.86
CA LEU E 128 68.61 -16.07 7.62
C LEU E 128 69.08 -14.83 6.89
N ALA E 129 70.26 -14.35 7.24
CA ALA E 129 70.81 -13.20 6.56
C ALA E 129 71.72 -13.80 5.50
N PRO E 130 71.92 -13.10 4.40
CA PRO E 130 72.77 -13.56 3.29
C PRO E 130 74.25 -13.64 3.62
N GLY E 131 74.87 -14.74 3.20
CA GLY E 131 76.30 -14.93 3.42
C GLY E 131 77.05 -13.85 2.66
N SER E 132 76.33 -13.20 1.73
CA SER E 132 76.78 -12.10 0.86
C SER E 132 75.52 -11.53 0.17
N ALA E 133 75.60 -10.28 -0.32
CA ALA E 133 74.48 -9.62 -1.02
C ALA E 133 73.93 -10.56 -2.05
N ALA E 134 72.69 -10.97 -1.86
CA ALA E 134 72.07 -11.91 -2.78
C ALA E 134 72.03 -11.39 -4.23
N GLN E 135 72.44 -12.23 -5.19
CA GLN E 135 72.30 -11.80 -6.57
C GLN E 135 71.07 -12.45 -7.15
N THR E 136 70.00 -11.66 -7.06
CA THR E 136 68.71 -12.08 -7.55
C THR E 136 67.83 -10.84 -7.87
N ASN E 137 67.77 -9.92 -6.91
CA ASN E 137 66.98 -8.69 -7.06
C ASN E 137 67.98 -7.53 -6.81
N SER E 138 67.52 -6.28 -7.00
CA SER E 138 68.33 -5.10 -6.73
C SER E 138 68.22 -4.99 -5.20
N MET E 139 67.06 -5.41 -4.71
CA MET E 139 66.79 -5.40 -3.29
C MET E 139 67.24 -6.76 -2.77
N VAL E 140 67.24 -6.92 -1.44
CA VAL E 140 67.66 -8.17 -0.78
C VAL E 140 66.58 -9.01 -0.05
N THR E 141 66.86 -10.31 0.10
CA THR E 141 65.96 -11.28 0.78
C THR E 141 66.47 -11.84 2.13
N LEU E 142 65.68 -11.59 3.16
CA LEU E 142 65.95 -12.02 4.53
C LEU E 142 64.95 -13.12 4.96
N GLY E 143 65.43 -14.16 5.62
CA GLY E 143 64.52 -15.23 6.05
C GLY E 143 64.58 -15.56 7.54
N CYS E 144 63.60 -16.31 8.02
CA CYS E 144 63.47 -16.76 9.42
C CYS E 144 63.05 -18.21 9.39
N LEU E 145 63.84 -19.07 10.04
CA LEU E 145 63.58 -20.50 10.06
C LEU E 145 63.00 -20.97 11.37
N VAL E 146 61.67 -21.01 11.52
CA VAL E 146 61.00 -21.43 12.77
C VAL E 146 61.01 -22.93 12.92
N LYS E 147 61.98 -23.53 13.63
CA LYS E 147 61.92 -24.99 13.68
C LYS E 147 61.73 -25.77 14.92
N GLY E 148 61.21 -26.98 14.73
CA GLY E 148 60.98 -27.87 15.85
C GLY E 148 59.81 -27.57 16.78
N TYR E 149 58.87 -26.73 16.36
CA TYR E 149 57.74 -26.39 17.22
C TYR E 149 56.52 -27.29 16.98
N PHE E 150 55.72 -27.50 18.02
CA PHE E 150 54.48 -28.29 17.88
C PHE E 150 53.64 -27.97 19.09
N PRO E 151 52.31 -27.86 18.97
CA PRO E 151 51.47 -28.03 17.80
C PRO E 151 51.29 -26.69 17.08
N GLU E 152 50.56 -26.71 15.97
CA GLU E 152 50.36 -25.49 15.20
C GLU E 152 49.37 -24.61 15.92
N PRO E 153 49.38 -23.30 15.63
CA PRO E 153 50.24 -22.60 14.65
C PRO E 153 51.32 -21.61 15.18
N VAL E 154 52.13 -21.04 14.27
CA VAL E 154 53.11 -20.02 14.66
C VAL E 154 52.95 -18.78 13.79
N THR E 155 52.26 -17.73 14.25
CA THR E 155 52.13 -16.56 13.39
C THR E 155 53.46 -15.80 13.25
N VAL E 156 53.95 -15.68 12.03
CA VAL E 156 55.20 -14.98 11.79
C VAL E 156 54.99 -13.64 11.18
N THR E 157 55.62 -12.63 11.77
CA THR E 157 55.47 -11.30 11.25
C THR E 157 56.83 -10.62 11.22
N TRP E 158 56.96 -9.54 10.43
CA TRP E 158 58.22 -8.79 10.27
C TRP E 158 58.10 -7.34 10.74
N ASN E 159 59.01 -6.95 11.60
CA ASN E 159 59.00 -5.61 12.20
C ASN E 159 57.63 -5.41 12.86
N SER E 160 57.22 -6.45 13.59
CA SER E 160 55.94 -6.44 14.28
C SER E 160 54.81 -6.03 13.32
N GLY E 161 54.91 -6.56 12.11
CA GLY E 161 53.91 -6.34 11.08
C GLY E 161 54.07 -5.13 10.21
N SER E 162 55.00 -4.24 10.55
CA SER E 162 55.20 -3.02 9.76
C SER E 162 55.66 -3.30 8.34
N LEU E 163 56.82 -3.91 8.21
CA LEU E 163 57.38 -4.25 6.90
C LEU E 163 56.55 -5.43 6.41
N SER E 164 55.49 -5.10 5.67
CA SER E 164 54.53 -6.08 5.14
C SER E 164 54.67 -6.58 3.70
N SER E 165 54.89 -5.65 2.78
CA SER E 165 54.95 -5.97 1.36
C SER E 165 55.58 -7.26 0.84
N GLY E 166 56.91 -7.35 0.80
CA GLY E 166 57.50 -8.56 0.24
C GLY E 166 57.57 -9.77 1.14
N VAL E 167 56.48 -10.09 1.82
CA VAL E 167 56.52 -11.20 2.76
C VAL E 167 56.04 -12.56 2.23
N HIS E 168 56.75 -13.63 2.54
CA HIS E 168 56.31 -14.97 2.13
C HIS E 168 56.45 -15.95 3.29
N THR E 169 55.33 -16.35 3.86
CA THR E 169 55.35 -17.31 4.94
C THR E 169 54.92 -18.61 4.27
N PHE E 170 55.76 -19.63 4.38
CA PHE E 170 55.50 -20.94 3.79
C PHE E 170 54.94 -21.90 4.83
N PRO E 171 53.81 -22.55 4.52
CA PRO E 171 53.16 -23.51 5.45
C PRO E 171 54.03 -24.49 6.21
N ALA E 172 53.52 -24.83 7.38
CA ALA E 172 54.19 -25.74 8.30
C ALA E 172 54.43 -27.09 7.66
N VAL E 173 55.50 -27.77 8.05
CA VAL E 173 55.79 -29.08 7.48
C VAL E 173 56.27 -30.07 8.52
N LEU E 174 55.46 -31.08 8.79
CA LEU E 174 55.82 -32.09 9.80
C LEU E 174 57.07 -32.88 9.39
N GLN E 175 57.83 -33.26 10.42
CA GLN E 175 59.07 -34.00 10.25
C GLN E 175 59.31 -34.63 11.63
N SER E 176 58.63 -35.74 11.88
CA SER E 176 58.71 -36.42 13.16
C SER E 176 58.09 -35.51 14.24
N ASP E 177 56.75 -35.53 14.32
CA ASP E 177 55.99 -34.73 15.29
C ASP E 177 56.16 -33.19 15.28
N LEU E 178 57.29 -32.68 14.83
CA LEU E 178 57.48 -31.23 14.84
C LEU E 178 57.39 -30.68 13.42
N TYR E 179 57.00 -29.43 13.35
CA TYR E 179 56.87 -28.71 12.09
C TYR E 179 58.11 -27.90 11.83
N THR E 180 58.06 -27.14 10.76
CA THR E 180 59.13 -26.24 10.39
C THR E 180 58.41 -25.37 9.37
N LEU E 181 58.36 -24.11 9.71
CA LEU E 181 57.73 -23.11 8.88
C LEU E 181 58.93 -22.28 8.47
N SER E 182 58.72 -21.20 7.75
CA SER E 182 59.80 -20.31 7.39
C SER E 182 59.16 -19.04 6.85
N SER E 183 59.89 -17.94 6.82
CA SER E 183 59.32 -16.72 6.28
C SER E 183 60.48 -15.94 5.70
N SER E 184 60.27 -15.28 4.55
CA SER E 184 61.36 -14.51 3.95
C SER E 184 60.90 -13.18 3.34
N VAL E 185 61.31 -12.08 3.96
CA VAL E 185 60.95 -10.74 3.54
C VAL E 185 62.02 -10.29 2.58
N THR E 186 61.67 -9.37 1.69
CA THR E 186 62.63 -8.86 0.73
C THR E 186 62.60 -7.34 0.79
N VAL E 187 63.67 -6.78 1.31
CA VAL E 187 63.74 -5.34 1.42
C VAL E 187 64.86 -4.86 0.54
N PRO E 188 64.85 -3.57 0.22
CA PRO E 188 65.87 -2.98 -0.61
C PRO E 188 67.21 -3.07 0.07
N SER E 189 68.23 -3.29 -0.74
CA SER E 189 69.62 -3.35 -0.30
C SER E 189 69.93 -2.05 0.46
N SER E 190 69.37 -0.93 -0.02
CA SER E 190 69.53 0.38 0.61
C SER E 190 68.84 0.55 1.99
N THR E 191 68.23 -0.50 2.52
CA THR E 191 67.54 -0.38 3.79
C THR E 191 68.06 -1.33 4.88
N TRP E 192 68.99 -2.21 4.50
CA TRP E 192 69.57 -3.18 5.43
C TRP E 192 71.05 -3.43 5.07
N PRO E 193 71.95 -3.53 6.09
CA PRO E 193 71.61 -3.44 7.51
C PRO E 193 71.38 -2.00 7.95
N SER E 194 71.29 -1.14 6.96
CA SER E 194 71.04 0.28 7.14
C SER E 194 69.98 0.50 8.21
N GLU E 195 68.85 -0.18 8.05
CA GLU E 195 67.75 -0.09 8.99
C GLU E 195 67.56 -1.46 9.62
N THR E 196 66.64 -1.56 10.56
CA THR E 196 66.41 -2.83 11.26
C THR E 196 65.31 -3.69 10.68
N VAL E 197 65.59 -4.99 10.61
CA VAL E 197 64.63 -5.98 10.13
C VAL E 197 64.64 -7.10 11.12
N THR E 198 63.50 -7.25 11.78
CA THR E 198 63.28 -8.24 12.82
C THR E 198 62.08 -9.15 12.52
N CYS E 199 62.33 -10.44 12.48
CA CYS E 199 61.23 -11.34 12.24
C CYS E 199 60.70 -11.73 13.63
N ASN E 200 59.41 -11.50 13.90
CA ASN E 200 58.80 -11.88 15.18
C ASN E 200 57.80 -13.04 15.12
N VAL E 201 58.21 -14.19 15.65
CA VAL E 201 57.45 -15.43 15.67
C VAL E 201 56.59 -15.66 16.94
N ALA E 202 55.31 -15.99 16.80
CA ALA E 202 54.43 -16.21 17.96
C ALA E 202 53.78 -17.61 17.97
N HIS E 203 54.16 -18.44 18.95
CA HIS E 203 53.63 -19.80 19.07
C HIS E 203 52.65 -19.81 20.24
N PRO E 204 51.39 -19.44 19.98
CA PRO E 204 50.28 -19.37 20.93
C PRO E 204 50.03 -20.59 21.83
N ALA E 205 50.35 -21.79 21.35
CA ALA E 205 50.13 -23.00 22.12
C ALA E 205 51.01 -23.04 23.34
N SER E 206 52.15 -22.34 23.29
CA SER E 206 53.05 -22.34 24.44
C SER E 206 53.38 -20.93 24.92
N SER E 207 52.46 -20.00 24.71
CA SER E 207 52.60 -18.59 25.08
C SER E 207 53.98 -17.98 24.87
N THR E 208 54.61 -18.39 23.78
CA THR E 208 55.91 -17.86 23.48
C THR E 208 55.81 -16.88 22.32
N LYS E 209 56.72 -15.92 22.32
CA LYS E 209 56.83 -14.92 21.28
C LYS E 209 58.34 -14.67 21.22
N VAL E 210 58.95 -14.99 20.08
CA VAL E 210 60.37 -14.79 19.86
C VAL E 210 60.57 -13.72 18.83
N ASP E 211 61.62 -12.94 19.03
CA ASP E 211 62.01 -11.84 18.18
C ASP E 211 63.45 -11.89 17.78
N LYS E 212 63.65 -12.27 16.54
CA LYS E 212 64.97 -12.38 15.96
C LYS E 212 65.20 -11.17 15.10
N LYS E 213 66.28 -10.46 15.36
CA LYS E 213 66.68 -9.32 14.59
C LYS E 213 67.70 -10.08 13.80
N ILE E 214 67.74 -9.88 12.48
CA ILE E 214 68.67 -10.64 11.65
C ILE E 214 69.94 -9.85 11.30
N THR F 4 11.13 29.74 45.64
CA THR F 4 10.17 28.60 45.51
C THR F 4 10.97 27.28 45.51
N ASN F 5 10.32 26.20 45.11
CA ASN F 5 10.98 24.91 45.05
C ASN F 5 10.06 23.87 44.45
N THR F 6 10.30 23.58 43.17
CA THR F 6 9.56 22.53 42.48
C THR F 6 10.72 21.86 41.75
N VAL F 7 11.04 20.67 42.25
CA VAL F 7 12.14 19.89 41.70
C VAL F 7 11.91 19.60 40.22
N ALA F 8 13.01 19.37 39.51
CA ALA F 8 13.00 19.01 38.09
C ALA F 8 12.62 17.52 37.98
N ALA F 9 12.87 16.90 36.84
CA ALA F 9 12.55 15.49 36.69
C ALA F 9 13.79 14.63 36.48
N TYR F 10 13.68 13.36 36.87
CA TYR F 10 14.74 12.38 36.71
C TYR F 10 14.08 11.05 36.37
N ASN F 11 14.77 10.19 35.62
CA ASN F 11 14.21 8.89 35.21
C ASN F 11 13.10 9.05 34.15
N LEU F 12 13.52 9.68 33.05
CA LEU F 12 12.65 9.87 31.90
C LEU F 12 12.92 8.54 31.19
N THR F 13 11.85 7.77 31.04
CA THR F 13 11.96 6.47 30.44
C THR F 13 10.94 6.22 29.37
N TRP F 14 11.47 6.03 28.17
CA TRP F 14 10.61 5.74 27.04
C TRP F 14 10.19 4.30 27.27
N LYS F 15 8.93 4.04 27.01
CA LYS F 15 8.38 2.70 27.13
C LYS F 15 7.47 2.43 25.94
N SER F 16 7.87 1.50 25.07
CA SER F 16 7.08 1.18 23.87
C SER F 16 7.17 -0.25 23.32
N THR F 17 6.03 -0.72 22.85
CA THR F 17 5.87 -2.03 22.26
C THR F 17 4.98 -1.73 21.08
N ASN F 18 5.23 -2.34 19.95
CA ASN F 18 4.44 -2.09 18.75
C ASN F 18 4.15 -0.58 18.49
N PHE F 19 5.18 0.24 18.62
CA PHE F 19 5.10 1.69 18.38
C PHE F 19 4.26 2.53 19.34
N LYS F 20 3.51 1.85 20.19
CA LYS F 20 2.70 2.52 21.20
C LYS F 20 3.75 2.99 22.21
N THR F 21 4.02 4.28 22.21
CA THR F 21 5.02 4.85 23.07
C THR F 21 4.43 5.74 24.15
N ILE F 22 5.02 5.64 25.34
CA ILE F 22 4.63 6.41 26.53
C ILE F 22 5.87 6.78 27.32
N LEU F 23 6.06 8.09 27.54
CA LEU F 23 7.20 8.61 28.34
C LEU F 23 6.81 8.68 29.81
N GLU F 24 7.57 7.96 30.65
CA GLU F 24 7.34 7.90 32.09
C GLU F 24 8.54 8.56 32.79
N TRP F 25 8.29 9.33 33.85
CA TRP F 25 9.37 10.02 34.58
C TRP F 25 9.24 10.02 36.11
N GLU F 26 10.22 10.66 36.74
CA GLU F 26 10.29 10.77 38.21
C GLU F 26 10.59 12.22 38.61
N PRO F 27 10.14 12.65 39.82
CA PRO F 27 9.38 11.80 40.75
C PRO F 27 7.90 12.10 40.62
N LYS F 28 7.10 11.43 41.44
CA LYS F 28 5.67 11.67 41.44
C LYS F 28 5.62 13.14 41.79
N PRO F 29 4.64 13.88 41.24
CA PRO F 29 4.51 15.31 41.50
C PRO F 29 4.15 15.69 42.95
N VAL F 30 5.05 16.43 43.59
CA VAL F 30 4.85 16.87 44.97
C VAL F 30 4.44 18.36 44.96
N ASN F 31 3.12 18.61 44.98
CA ASN F 31 2.57 19.98 44.95
C ASN F 31 3.11 20.63 43.66
N GLN F 32 2.95 19.88 42.57
CA GLN F 32 3.43 20.32 41.25
C GLN F 32 2.86 19.56 40.04
N VAL F 33 2.85 20.26 38.91
CA VAL F 33 2.40 19.67 37.68
C VAL F 33 3.60 19.68 36.71
N TYR F 34 3.49 18.90 35.63
CA TYR F 34 4.55 18.79 34.62
C TYR F 34 3.93 19.00 33.26
N THR F 35 4.72 19.52 32.34
CA THR F 35 4.24 19.68 30.98
C THR F 35 5.37 19.13 30.13
N VAL F 36 5.00 18.30 29.16
CA VAL F 36 5.94 17.61 28.28
C VAL F 36 6.08 18.23 26.89
N GLN F 37 7.32 18.47 26.46
CA GLN F 37 7.61 19.01 25.14
C GLN F 37 8.49 18.01 24.39
N ILE F 38 8.01 17.55 23.24
CA ILE F 38 8.73 16.58 22.40
C ILE F 38 8.82 17.16 21.01
N SER F 39 9.97 16.97 20.36
CA SER F 39 10.18 17.45 18.99
C SER F 39 10.88 16.29 18.35
N THR F 40 11.22 16.40 17.08
CA THR F 40 11.94 15.32 16.41
C THR F 40 13.36 15.47 16.92
N LYS F 41 14.33 15.28 16.04
CA LYS F 41 15.71 15.49 16.45
C LYS F 41 15.94 17.00 16.35
N SER F 42 16.42 17.56 17.46
CA SER F 42 16.74 18.98 17.60
C SER F 42 15.70 19.90 16.94
N GLY F 43 14.63 20.28 17.65
CA GLY F 43 13.68 21.16 16.97
C GLY F 43 12.45 21.77 17.66
N ASP F 44 11.54 22.23 16.79
CA ASP F 44 10.29 22.84 17.21
C ASP F 44 9.66 21.91 18.24
N TRP F 45 9.97 22.17 19.50
CA TRP F 45 9.46 21.41 20.61
C TRP F 45 7.96 21.48 20.76
N LYS F 46 7.29 20.35 20.67
CA LYS F 46 5.84 20.36 20.80
C LYS F 46 5.40 19.98 22.21
N SER F 47 4.70 20.89 22.84
CA SER F 47 4.14 20.66 24.14
C SER F 47 3.07 19.60 23.88
N LYS F 48 2.95 18.60 24.75
CA LYS F 48 1.94 17.55 24.50
C LYS F 48 1.01 17.33 25.69
N CYS F 49 1.55 16.76 26.75
CA CYS F 49 0.71 16.52 27.93
C CYS F 49 0.89 17.75 28.83
N PHE F 50 -0.10 18.62 28.78
CA PHE F 50 -0.13 19.89 29.53
C PHE F 50 -0.54 19.86 31.03
N TYR F 51 0.38 20.40 31.86
CA TYR F 51 0.21 20.56 33.31
C TYR F 51 -0.48 19.40 34.05
N THR F 52 -0.09 18.17 33.72
CA THR F 52 -0.68 17.01 34.39
C THR F 52 0.05 16.82 35.69
N THR F 53 -0.35 15.75 36.32
CA THR F 53 0.19 15.37 37.58
C THR F 53 0.46 13.87 37.54
N ASP F 54 0.36 13.32 36.33
CA ASP F 54 0.66 11.92 36.08
C ASP F 54 2.17 11.92 35.83
N THR F 55 2.81 10.77 35.96
CA THR F 55 4.23 10.72 35.65
C THR F 55 4.38 9.99 34.30
N GLU F 56 3.31 9.99 33.48
CA GLU F 56 3.36 9.37 32.15
C GLU F 56 2.71 10.31 31.15
N CYS F 57 3.18 10.24 29.89
CA CYS F 57 2.71 11.07 28.77
C CYS F 57 2.71 10.16 27.52
N ASP F 58 1.52 9.89 27.00
CA ASP F 58 1.37 9.04 25.82
C ASP F 58 1.67 9.79 24.53
N LEU F 59 2.91 9.69 24.10
CA LEU F 59 3.39 10.37 22.91
C LEU F 59 3.24 9.64 21.58
N THR F 60 2.44 8.58 21.53
CA THR F 60 2.28 7.78 20.31
C THR F 60 2.04 8.57 19.00
N ASP F 61 0.93 9.31 18.90
CA ASP F 61 0.54 10.08 17.71
C ASP F 61 1.67 10.91 17.11
N GLU F 62 2.61 11.28 17.97
CA GLU F 62 3.77 12.03 17.53
C GLU F 62 4.71 11.04 16.91
N ILE F 63 5.30 10.14 17.72
CA ILE F 63 6.28 9.17 17.19
C ILE F 63 5.79 8.43 15.96
N VAL F 64 4.52 8.05 15.97
CA VAL F 64 3.97 7.36 14.82
C VAL F 64 4.02 8.15 13.52
N LYS F 65 4.08 9.48 13.58
CA LYS F 65 4.14 10.21 12.32
C LYS F 65 5.32 9.74 11.46
N ASP F 66 6.37 9.24 12.11
CA ASP F 66 7.53 8.79 11.37
C ASP F 66 8.41 7.96 12.29
N VAL F 67 8.16 6.65 12.30
CA VAL F 67 8.93 5.74 13.13
C VAL F 67 10.43 5.82 12.91
N LYS F 68 10.91 6.22 11.75
CA LYS F 68 12.37 6.23 11.58
C LYS F 68 13.08 7.46 12.13
N GLN F 69 12.29 8.37 12.66
CA GLN F 69 12.81 9.63 13.21
C GLN F 69 13.35 9.48 14.66
N THR F 70 14.33 10.29 15.02
CA THR F 70 14.79 10.22 16.37
C THR F 70 14.13 11.40 17.10
N TYR F 71 13.34 11.04 18.10
CA TYR F 71 12.63 12.03 18.89
C TYR F 71 13.28 12.40 20.24
N LEU F 72 13.18 13.70 20.54
CA LEU F 72 13.68 14.25 21.78
C LEU F 72 12.47 14.82 22.50
N ALA F 73 12.48 14.70 23.81
CA ALA F 73 11.39 15.22 24.63
C ALA F 73 12.00 15.80 25.91
N ARG F 74 11.19 16.55 26.66
CA ARG F 74 11.59 17.16 27.93
C ARG F 74 10.35 17.44 28.73
N VAL F 75 10.51 17.36 30.04
CA VAL F 75 9.42 17.60 30.98
C VAL F 75 9.76 18.86 31.75
N PHE F 76 8.78 19.76 31.84
CA PHE F 76 8.91 21.02 32.58
C PHE F 76 8.14 20.89 33.90
N SER F 77 8.91 20.95 34.99
CA SER F 77 8.37 20.83 36.36
C SER F 77 7.73 22.12 36.83
N TYR F 78 6.41 22.07 36.96
CA TYR F 78 5.61 23.21 37.37
C TYR F 78 5.07 23.14 38.80
N PRO F 79 5.11 24.27 39.54
CA PRO F 79 4.58 24.24 40.91
C PRO F 79 3.02 24.16 40.91
N ALA F 80 2.48 23.21 41.63
CA ALA F 80 1.01 23.09 41.71
C ALA F 80 0.50 24.22 42.61
N GLY F 81 -0.82 24.29 42.73
CA GLY F 81 -1.46 25.29 43.59
C GLY F 81 -1.04 26.75 43.65
N ASN F 82 -1.64 27.38 44.65
CA ASN F 82 -1.51 28.80 44.99
C ASN F 82 -0.35 29.16 45.95
N GLU F 91 10.80 30.90 34.07
CA GLU F 91 11.90 29.89 33.78
C GLU F 91 11.71 28.65 34.66
N PRO F 92 10.79 27.78 34.24
CA PRO F 92 10.56 26.57 35.05
C PRO F 92 11.60 25.56 34.63
N LEU F 93 12.15 24.84 35.60
CA LEU F 93 13.14 23.83 35.24
C LEU F 93 12.49 22.65 34.54
N TYR F 94 13.33 21.99 33.76
CA TYR F 94 12.92 20.85 32.95
C TYR F 94 14.07 19.91 32.71
N GLU F 95 13.71 18.65 32.53
CA GLU F 95 14.67 17.61 32.23
C GLU F 95 14.43 17.13 30.81
N ASN F 96 15.51 16.70 30.18
CA ASN F 96 15.44 16.20 28.84
C ASN F 96 15.42 14.70 28.85
N SER F 97 14.66 14.16 27.91
CA SER F 97 14.52 12.73 27.74
C SER F 97 15.66 12.28 26.86
N PRO F 98 16.01 10.98 26.92
CA PRO F 98 17.10 10.50 26.08
C PRO F 98 16.42 10.34 24.72
N GLU F 99 17.21 10.32 23.64
CA GLU F 99 16.67 10.18 22.27
C GLU F 99 15.93 8.85 22.05
N PHE F 100 15.07 8.82 21.05
CA PHE F 100 14.34 7.60 20.76
C PHE F 100 14.09 7.43 19.25
N THR F 101 14.52 6.28 18.73
CA THR F 101 14.31 5.95 17.34
C THR F 101 13.36 4.79 17.36
N PRO F 102 12.09 5.08 17.32
CA PRO F 102 11.04 4.07 17.33
C PRO F 102 11.36 2.79 16.55
N TYR F 103 11.77 2.93 15.29
CA TYR F 103 12.06 1.79 14.42
C TYR F 103 13.10 0.82 14.98
N LEU F 104 14.04 1.36 15.74
CA LEU F 104 15.12 0.57 16.28
C LEU F 104 15.00 0.24 17.78
N GLU F 105 13.93 0.68 18.42
CA GLU F 105 13.86 0.46 19.85
C GLU F 105 12.54 0.00 20.46
N THR F 106 11.42 0.11 19.74
CA THR F 106 10.15 -0.34 20.31
C THR F 106 10.34 -1.82 20.38
N ASN F 107 10.07 -2.38 21.54
CA ASN F 107 10.21 -3.82 21.72
C ASN F 107 9.25 -4.49 20.75
N LEU F 108 9.37 -5.80 20.65
CA LEU F 108 8.48 -6.53 19.78
C LEU F 108 7.52 -7.34 20.64
N GLY F 109 6.22 -7.21 20.39
CA GLY F 109 5.26 -7.99 21.13
C GLY F 109 5.59 -9.45 20.96
N GLN F 110 5.00 -10.31 21.76
CA GLN F 110 5.27 -11.74 21.65
C GLN F 110 4.43 -12.19 20.49
N PRO F 111 5.00 -12.96 19.57
CA PRO F 111 4.29 -13.46 18.39
C PRO F 111 3.18 -14.50 18.64
N THR F 112 2.34 -14.70 17.62
CA THR F 112 1.28 -15.68 17.71
C THR F 112 1.28 -16.51 16.44
N ILE F 113 1.01 -17.81 16.58
CA ILE F 113 0.93 -18.73 15.44
C ILE F 113 -0.54 -18.63 15.11
N GLN F 114 -0.84 -17.95 14.01
CA GLN F 114 -2.23 -17.75 13.62
C GLN F 114 -2.99 -18.97 13.21
N SER F 115 -2.29 -19.95 12.65
CA SER F 115 -2.95 -21.15 12.18
C SER F 115 -1.93 -22.11 11.62
N PHE F 116 -2.38 -23.29 11.18
CA PHE F 116 -1.49 -24.26 10.57
C PHE F 116 -2.11 -25.56 10.01
N GLU F 117 -2.25 -25.61 8.69
CA GLU F 117 -2.82 -26.80 8.06
C GLU F 117 -1.88 -27.44 7.02
N GLN F 118 -1.88 -28.78 6.98
CA GLN F 118 -1.05 -29.56 6.08
C GLN F 118 -1.44 -29.42 4.63
N VAL F 119 -0.46 -29.08 3.81
CA VAL F 119 -0.65 -28.89 2.37
C VAL F 119 0.03 -30.06 1.65
N GLY F 120 -0.30 -31.26 2.12
CA GLY F 120 0.27 -32.47 1.56
C GLY F 120 1.35 -33.06 2.45
N THR F 121 2.51 -33.26 1.85
CA THR F 121 3.70 -33.77 2.51
C THR F 121 4.21 -32.78 3.60
N LYS F 122 3.75 -31.53 3.52
CA LYS F 122 4.17 -30.48 4.41
C LYS F 122 3.09 -29.89 5.27
N VAL F 123 3.53 -29.12 6.29
CA VAL F 123 2.65 -28.41 7.24
C VAL F 123 2.80 -26.91 6.97
N ASN F 124 1.71 -26.23 6.63
CA ASN F 124 1.77 -24.80 6.34
C ASN F 124 1.52 -24.05 7.64
N VAL F 125 2.59 -23.61 8.32
CA VAL F 125 2.41 -22.85 9.56
C VAL F 125 2.37 -21.37 9.27
N THR F 126 1.39 -20.67 9.83
CA THR F 126 1.27 -19.22 9.62
C THR F 126 1.30 -18.35 10.89
N VAL F 127 2.00 -17.22 10.76
CA VAL F 127 2.16 -16.27 11.83
C VAL F 127 1.12 -15.15 11.62
N GLU F 128 0.53 -14.66 12.71
CA GLU F 128 -0.46 -13.58 12.64
C GLU F 128 0.26 -12.26 12.45
N ASP F 129 -0.16 -11.53 11.42
CA ASP F 129 0.43 -10.24 11.08
C ASP F 129 -0.13 -9.11 11.93
N GLU F 130 0.43 -8.93 13.11
CA GLU F 130 0.01 -7.87 14.06
C GLU F 130 -0.27 -6.50 13.44
N ARG F 131 -1.26 -5.77 13.95
CA ARG F 131 -1.50 -4.44 13.39
C ARG F 131 -0.81 -3.45 14.31
N THR F 132 -0.26 -2.38 13.76
CA THR F 132 0.31 -1.39 14.65
C THR F 132 -0.54 -0.09 14.65
N LEU F 133 -0.16 0.87 15.49
CA LEU F 133 -0.87 2.13 15.52
C LEU F 133 -0.38 2.96 14.35
N VAL F 134 0.84 2.67 13.88
CA VAL F 134 1.44 3.36 12.75
C VAL F 134 0.41 3.37 11.64
N ARG F 135 0.19 4.54 11.06
CA ARG F 135 -0.80 4.71 10.03
C ARG F 135 -0.35 5.49 8.80
N ARG F 136 -0.33 4.82 7.64
CA ARG F 136 0.01 5.44 6.36
C ARG F 136 -1.35 5.71 5.71
N ASN F 137 -1.56 6.95 5.25
CA ASN F 137 -2.86 7.33 4.65
C ASN F 137 -3.86 7.15 5.81
N ASN F 138 -5.11 6.90 5.48
CA ASN F 138 -6.13 6.67 6.50
C ASN F 138 -6.07 5.19 6.68
N THR F 139 -5.00 4.66 7.29
CA THR F 139 -4.92 3.22 7.46
C THR F 139 -3.87 2.77 8.45
N PHE F 140 -4.15 1.67 9.15
CA PHE F 140 -3.19 1.11 10.11
C PHE F 140 -2.28 0.07 9.42
N LEU F 141 -0.99 0.34 9.41
CA LEU F 141 -0.05 -0.57 8.78
C LEU F 141 0.35 -1.64 9.76
N SER F 142 0.32 -2.87 9.28
CA SER F 142 0.69 -4.01 10.06
C SER F 142 2.18 -3.91 10.41
N LEU F 143 2.59 -4.80 11.30
CA LEU F 143 3.98 -4.88 11.73
C LEU F 143 4.79 -5.24 10.50
N ARG F 144 4.22 -6.06 9.64
CA ARG F 144 4.95 -6.39 8.43
C ARG F 144 4.92 -5.18 7.45
N ASP F 145 4.08 -4.19 7.72
CA ASP F 145 4.02 -3.04 6.82
C ASP F 145 5.10 -2.03 7.15
N VAL F 146 5.44 -1.95 8.42
CA VAL F 146 6.44 -1.00 8.85
C VAL F 146 7.83 -1.43 8.45
N PHE F 147 8.14 -2.67 8.81
CA PHE F 147 9.43 -3.29 8.62
C PHE F 147 9.76 -3.86 7.24
N GLY F 148 8.78 -4.50 6.61
CA GLY F 148 9.06 -5.08 5.31
C GLY F 148 10.02 -6.27 5.44
N LYS F 149 10.83 -6.50 4.42
CA LYS F 149 11.78 -7.61 4.39
C LYS F 149 12.65 -7.60 5.60
N ASP F 150 12.79 -6.44 6.21
CA ASP F 150 13.60 -6.32 7.42
C ASP F 150 12.83 -6.85 8.68
N LEU F 151 12.31 -8.07 8.60
CA LEU F 151 11.59 -8.75 9.70
C LEU F 151 11.50 -10.24 9.40
N ILE F 152 12.44 -10.96 9.95
CA ILE F 152 12.55 -12.38 9.75
C ILE F 152 11.81 -13.08 10.88
N TYR F 153 10.95 -14.05 10.59
CA TYR F 153 10.34 -14.79 11.70
C TYR F 153 11.20 -16.07 11.85
N THR F 154 11.52 -16.44 13.08
CA THR F 154 12.34 -17.62 13.32
C THR F 154 11.52 -18.73 13.96
N LEU F 155 11.37 -19.85 13.28
CA LEU F 155 10.58 -20.94 13.83
C LEU F 155 11.43 -22.01 14.48
N TYR F 156 10.95 -22.47 15.64
CA TYR F 156 11.60 -23.55 16.38
C TYR F 156 10.51 -24.58 16.52
N TYR F 157 10.68 -25.71 15.85
CA TYR F 157 9.72 -26.79 15.89
C TYR F 157 10.51 -28.02 16.24
N TRP F 158 9.82 -29.08 16.59
CA TRP F 158 10.47 -30.31 16.97
C TRP F 158 9.33 -31.27 17.25
N LYS F 159 9.64 -32.54 17.42
CA LYS F 159 8.58 -33.49 17.69
C LYS F 159 8.74 -34.10 19.06
N SER F 160 7.61 -34.14 19.75
CA SER F 160 7.42 -34.70 21.08
C SER F 160 8.54 -35.68 21.48
N SER F 161 8.70 -36.67 20.59
CA SER F 161 9.69 -37.76 20.67
C SER F 161 10.99 -37.43 21.40
N SER F 162 11.58 -36.27 21.11
CA SER F 162 12.85 -35.92 21.75
C SER F 162 13.09 -34.43 21.98
N SER F 163 14.15 -34.14 22.74
CA SER F 163 14.57 -32.79 23.07
C SER F 163 15.18 -31.97 21.92
N GLY F 164 16.05 -32.60 21.10
CA GLY F 164 16.70 -31.92 19.97
C GLY F 164 15.77 -31.36 18.91
N LYS F 165 15.88 -30.03 18.62
CA LYS F 165 14.99 -29.30 17.66
C LYS F 165 15.46 -28.97 16.24
N LYS F 166 14.66 -28.21 15.51
CA LYS F 166 14.97 -27.81 14.12
C LYS F 166 14.48 -26.39 13.87
N THR F 167 15.20 -25.59 13.07
CA THR F 167 14.81 -24.19 12.79
C THR F 167 14.38 -23.96 11.36
N ALA F 168 13.80 -22.78 11.12
CA ALA F 168 13.32 -22.35 9.80
C ALA F 168 13.06 -20.85 9.89
N LYS F 169 13.73 -20.11 9.00
CA LYS F 169 13.71 -18.65 8.87
C LYS F 169 12.67 -18.32 7.82
N THR F 170 12.11 -17.12 7.89
CA THR F 170 11.10 -16.66 6.94
C THR F 170 10.96 -15.13 7.06
N ASN F 171 10.69 -14.46 5.96
CA ASN F 171 10.49 -13.01 5.99
C ASN F 171 9.20 -12.76 5.20
N THR F 172 8.19 -13.52 5.60
CA THR F 172 6.86 -13.46 5.06
C THR F 172 6.08 -13.97 6.24
N ASN F 173 4.94 -14.62 6.03
CA ASN F 173 4.23 -15.07 7.21
C ASN F 173 3.95 -16.53 7.33
N GLU F 174 4.19 -17.30 6.28
CA GLU F 174 3.94 -18.74 6.39
C GLU F 174 5.22 -19.52 6.15
N PHE F 175 5.22 -20.73 6.67
CA PHE F 175 6.32 -21.66 6.56
C PHE F 175 5.77 -22.87 5.81
N LEU F 176 6.65 -23.61 5.16
CA LEU F 176 6.24 -24.82 4.47
C LEU F 176 7.25 -25.90 4.90
N ILE F 177 7.11 -26.44 6.10
CA ILE F 177 8.06 -27.46 6.52
C ILE F 177 7.53 -28.85 6.16
N ASP F 178 8.42 -29.84 6.04
CA ASP F 178 8.04 -31.22 5.74
C ASP F 178 8.07 -31.90 7.10
N VAL F 179 7.11 -32.76 7.47
CA VAL F 179 7.26 -33.44 8.78
C VAL F 179 6.99 -34.95 8.73
N ASP F 180 7.66 -35.65 9.64
CA ASP F 180 7.61 -37.10 9.75
C ASP F 180 6.24 -37.68 10.03
N LYS F 181 5.72 -38.34 8.99
CA LYS F 181 4.41 -39.02 8.97
C LYS F 181 3.96 -39.64 10.31
N GLY F 182 2.82 -39.15 10.83
CA GLY F 182 2.30 -39.65 12.11
C GLY F 182 3.18 -39.35 13.30
N GLU F 183 3.44 -38.04 13.52
CA GLU F 183 4.28 -37.57 14.60
C GLU F 183 3.76 -36.26 15.24
N ASN F 184 4.00 -36.12 16.56
CA ASN F 184 3.59 -34.94 17.32
C ASN F 184 4.72 -33.89 17.31
N TYR F 185 4.41 -32.74 16.70
CA TYR F 185 5.36 -31.64 16.57
C TYR F 185 4.86 -30.43 17.32
N CYS F 186 5.77 -29.75 18.02
CA CYS F 186 5.42 -28.55 18.77
C CYS F 186 6.05 -27.38 18.06
N PHE F 187 5.57 -26.17 18.34
CA PHE F 187 6.06 -24.98 17.63
C PHE F 187 6.37 -23.85 18.57
N SER F 188 7.10 -22.86 18.07
CA SER F 188 7.48 -21.68 18.86
C SER F 188 8.11 -20.66 17.88
N VAL F 189 7.39 -19.58 17.59
CA VAL F 189 7.88 -18.56 16.65
C VAL F 189 8.47 -17.32 17.37
N GLN F 190 9.59 -16.78 16.86
CA GLN F 190 10.21 -15.57 17.43
C GLN F 190 10.65 -14.56 16.35
N ALA F 191 10.19 -13.33 16.49
CA ALA F 191 10.47 -12.28 15.55
C ALA F 191 11.86 -11.71 15.67
N VAL F 192 12.41 -11.27 14.54
CA VAL F 192 13.73 -10.65 14.55
C VAL F 192 13.83 -9.51 13.55
N ILE F 193 14.41 -8.41 14.00
CA ILE F 193 14.60 -7.23 13.17
C ILE F 193 16.11 -7.21 12.87
N PRO F 194 16.48 -7.79 11.73
CA PRO F 194 17.87 -7.85 11.31
C PRO F 194 18.58 -6.53 11.44
N SER F 195 18.05 -5.53 10.77
CA SER F 195 18.65 -4.19 10.76
C SER F 195 19.09 -3.63 12.10
N ARG F 196 18.41 -4.00 13.18
CA ARG F 196 18.73 -3.48 14.50
C ARG F 196 20.05 -3.98 15.04
N THR F 197 20.67 -3.16 15.88
CA THR F 197 21.91 -3.56 16.55
C THR F 197 21.55 -3.97 17.98
N VAL F 198 20.32 -3.69 18.45
CA VAL F 198 19.95 -4.01 19.83
C VAL F 198 18.65 -4.69 20.20
N ASN F 199 17.52 -4.00 20.17
CA ASN F 199 16.29 -4.67 20.55
C ASN F 199 15.86 -5.52 19.36
N ARG F 200 16.66 -6.54 19.10
CA ARG F 200 16.49 -7.43 17.96
C ARG F 200 15.38 -8.48 17.96
N LYS F 201 15.15 -9.11 19.10
CA LYS F 201 14.15 -10.16 19.14
C LYS F 201 12.81 -9.85 19.74
N SER F 202 11.95 -10.87 19.74
CA SER F 202 10.64 -10.79 20.33
C SER F 202 10.55 -11.92 21.38
N THR F 203 9.52 -11.97 22.19
CA THR F 203 9.45 -13.05 23.15
C THR F 203 9.04 -14.26 22.31
N ASP F 204 9.51 -15.44 22.68
CA ASP F 204 9.14 -16.63 21.92
C ASP F 204 7.62 -16.83 22.08
N SER F 205 6.93 -17.16 20.99
CA SER F 205 5.49 -17.34 21.06
C SER F 205 5.11 -18.62 21.81
N PRO F 206 3.90 -18.64 22.38
CA PRO F 206 3.40 -19.79 23.12
C PRO F 206 3.48 -21.08 22.30
N VAL F 207 4.25 -22.02 22.82
CA VAL F 207 4.43 -23.30 22.19
C VAL F 207 3.11 -24.01 21.89
N GLU F 208 2.99 -24.52 20.65
CA GLU F 208 1.80 -25.26 20.16
C GLU F 208 2.17 -26.61 19.51
N CYS F 209 1.44 -27.68 19.80
CA CYS F 209 1.78 -29.00 19.25
C CYS F 209 0.64 -29.55 18.44
N MET F 210 0.95 -30.54 17.60
CA MET F 210 -0.03 -31.16 16.73
C MET F 210 -0.57 -32.38 17.50
N GLY F 211 -0.45 -33.55 16.87
CA GLY F 211 -0.88 -34.81 17.46
C GLY F 211 0.16 -35.89 17.13
#